data_6BPN
#
_entry.id   6BPN
#
_cell.length_a   107.927
_cell.length_b   148.945
_cell.length_c   105.061
_cell.angle_alpha   90.00
_cell.angle_beta   90.00
_cell.angle_gamma   90.00
#
_symmetry.space_group_name_H-M   'C 2 2 21'
#
loop_
_entity.id
_entity.type
_entity.pdbx_description
1 polymer 'Catecholate siderophore receptor Fiu'
2 non-polymer 'octyl beta-D-glucopyranoside'
3 non-polymer 'CHLORIDE ION'
4 non-polymer 2-AMINO-2-HYDROXYMETHYL-PROPANE-1,3-DIOL
5 non-polymer (20S)-2,5,8,11,14,17-HEXAMETHYL-3,6,9,12,15,18-HEXAOXAHENICOSANE-1,20-DIOL
6 water water
#
_entity_poly.entity_id   1
_entity_poly.type   'polypeptide(L)'
_entity_poly.pdbx_seq_one_letter_code
;AEGQTNADDTLVVEASTPSLYAPQQSADPKFSRPVADTTRTMTVISEQVIKDQGATNLTDALKNVPGVGAFFAGENGNST
TGDAIYMRGADTSNSIYIDGIRDIGSVSRDTFNTEQVEVIKGPSGTDYGRSAPTGSINMISKQPRNDSGIDASASIGSAW
FRRGTLDVNQVIGDTTAVRLNVMGEKTHDAGRDKVKNERYGVAPSVAFGLGTANRLYLNYLHVTQHNTPDGGIPTIGLPG
YSAPSAGTAALNHSGKVDTHNFYGTDSDYDDSTTDTATMRFEHDINDNTTIRNTTRWSRVKQDYLMTAIMGGASNITQPT
SDVNSWTWSRTANTKDVSNKILTNQTNLTSTFYTGSIGHDVSTGVEFTRETQTNYGVNPVTLPAVNIYHPDSSIHPGGLT
RNGANANGQTDTFAIYAFDTLQITRDFELNGGIRLDNYHTEYDSATACGGSGRGAITCPTGVAKGSPVTTVDTAKSGNLM
NWKAGALYHLTENGNVYINYAVSQQPPGGNNFALAQSGSGNSANRTDFKPQKANTSEIGTKWQVLDKRLLLTAALFRTDI
ENEVEQNDDGTYSQYGKKRVEGYEISVAGNITPAWQVIGGYTQQKATIKNGKDVAQDGSSSLPYTPEHAFTLWSQYQATD
DISVGAGARYIGSMHKGSDGAVGTPAFTEGYWVADAKLGYRVNRNLDFQLNVYNLFDTDYVASINKSGYRYHPGEPRTFL
LTANMHF
;
_entity_poly.pdbx_strand_id   A
#
loop_
_chem_comp.id
_chem_comp.type
_chem_comp.name
_chem_comp.formula
BOG D-saccharide 'octyl beta-D-glucopyranoside' 'C14 H28 O6'
CL non-polymer 'CHLORIDE ION' 'Cl -1'
POG non-polymer (20S)-2,5,8,11,14,17-HEXAMETHYL-3,6,9,12,15,18-HEXAOXAHENICOSANE-1,20-DIOL 'C21 H44 O8'
TRS non-polymer 2-AMINO-2-HYDROXYMETHYL-PROPANE-1,3-DIOL 'C4 H12 N O3 1'
#
# COMPACT_ATOMS: atom_id res chain seq x y z
N THR A 17 5.23 -27.05 -14.57
CA THR A 17 5.75 -25.68 -14.52
C THR A 17 4.98 -24.82 -13.51
N PRO A 18 5.53 -23.66 -13.16
CA PRO A 18 4.91 -22.84 -12.11
C PRO A 18 3.59 -22.25 -12.58
N SER A 19 2.66 -22.15 -11.64
CA SER A 19 1.42 -21.43 -11.90
C SER A 19 1.70 -19.93 -11.98
N LEU A 20 1.10 -19.27 -12.98
CA LEU A 20 1.17 -17.81 -13.04
C LEU A 20 0.45 -17.15 -11.87
N TYR A 21 -0.39 -17.88 -11.14
CA TYR A 21 -1.07 -17.34 -9.97
C TYR A 21 -0.35 -17.62 -8.66
N ALA A 22 0.78 -18.33 -8.69
CA ALA A 22 1.50 -18.71 -7.47
C ALA A 22 3.00 -18.67 -7.74
N PRO A 23 3.60 -17.48 -7.81
CA PRO A 23 5.05 -17.40 -8.01
C PRO A 23 5.78 -18.11 -6.87
N GLN A 24 6.79 -18.88 -7.25
CA GLN A 24 7.41 -19.78 -6.28
C GLN A 24 8.44 -19.11 -5.40
N GLN A 25 8.97 -17.96 -5.81
CA GLN A 25 10.12 -17.38 -5.15
C GLN A 25 9.95 -15.87 -5.00
N SER A 26 10.30 -15.36 -3.82
CA SER A 26 10.43 -13.91 -3.66
C SER A 26 11.54 -13.39 -4.57
N ALA A 27 11.39 -12.14 -4.99
CA ALA A 27 12.42 -11.49 -5.78
C ALA A 27 13.56 -10.96 -4.90
N ASP A 28 13.35 -10.88 -3.59
CA ASP A 28 14.30 -10.23 -2.69
C ASP A 28 15.33 -11.25 -2.23
N PRO A 29 16.63 -10.98 -2.41
CA PRO A 29 17.64 -11.99 -2.04
C PRO A 29 17.76 -12.20 -0.54
N LYS A 30 17.07 -11.41 0.27
CA LYS A 30 16.98 -11.72 1.70
C LYS A 30 16.11 -12.93 1.97
N PHE A 31 15.39 -13.42 0.98
CA PHE A 31 14.60 -14.65 1.08
C PHE A 31 15.32 -15.71 0.27
N SER A 32 16.00 -16.62 0.96
CA SER A 32 16.82 -17.62 0.28
C SER A 32 16.02 -18.84 -0.15
N ARG A 33 14.79 -19.02 0.32
CA ARG A 33 14.04 -20.23 0.06
C ARG A 33 12.78 -19.91 -0.72
N PRO A 34 12.23 -20.88 -1.46
CA PRO A 34 10.92 -20.68 -2.08
C PRO A 34 9.88 -20.30 -1.03
N VAL A 35 8.83 -19.60 -1.48
CA VAL A 35 7.74 -19.20 -0.58
C VAL A 35 7.23 -20.40 0.22
N ALA A 36 7.05 -21.55 -0.43
CA ALA A 36 6.47 -22.69 0.29
C ALA A 36 7.39 -23.23 1.37
N ASP A 37 8.69 -22.92 1.30
CA ASP A 37 9.69 -23.38 2.25
C ASP A 37 10.16 -22.25 3.17
N THR A 38 9.39 -21.17 3.25
CA THR A 38 9.72 -19.99 4.05
C THR A 38 8.83 -19.98 5.28
N THR A 39 9.43 -19.77 6.46
CA THR A 39 8.68 -19.87 7.72
C THR A 39 8.02 -18.54 8.06
N ARG A 40 7.26 -17.99 7.10
CA ARG A 40 6.58 -16.72 7.28
C ARG A 40 5.26 -16.80 6.51
N THR A 41 4.29 -16.00 6.93
CA THR A 41 3.06 -15.88 6.16
C THR A 41 3.30 -14.84 5.07
N MET A 42 3.36 -15.31 3.83
CA MET A 42 3.80 -14.46 2.73
C MET A 42 2.98 -14.77 1.50
N THR A 43 2.29 -13.75 0.98
CA THR A 43 1.44 -13.87 -0.19
C THR A 43 2.05 -13.06 -1.32
N VAL A 44 2.24 -13.69 -2.48
CA VAL A 44 2.76 -13.02 -3.66
C VAL A 44 1.64 -12.89 -4.69
N ILE A 45 1.43 -11.66 -5.15
CA ILE A 45 0.40 -11.32 -6.12
C ILE A 45 1.10 -11.09 -7.45
N SER A 46 0.87 -11.98 -8.42
CA SER A 46 1.59 -11.95 -9.67
C SER A 46 1.03 -10.90 -10.62
N GLU A 47 1.85 -10.57 -11.61
CA GLU A 47 1.45 -9.74 -12.73
C GLU A 47 0.21 -10.27 -13.45
N GLN A 48 0.10 -11.60 -13.59
CA GLN A 48 -1.05 -12.19 -14.27
C GLN A 48 -2.36 -11.96 -13.51
N VAL A 49 -2.33 -12.10 -12.17
CA VAL A 49 -3.50 -11.79 -11.37
C VAL A 49 -3.90 -10.33 -11.56
N ILE A 50 -2.92 -9.43 -11.48
CA ILE A 50 -3.18 -8.01 -11.62
C ILE A 50 -3.83 -7.71 -12.97
N LYS A 51 -3.34 -8.36 -14.03
CA LYS A 51 -3.87 -8.16 -15.38
C LYS A 51 -5.28 -8.73 -15.50
N ASP A 52 -5.48 -9.98 -15.05
CA ASP A 52 -6.78 -10.63 -15.15
C ASP A 52 -7.86 -9.83 -14.43
N GLN A 53 -7.51 -9.16 -13.34
CA GLN A 53 -8.48 -8.40 -12.56
C GLN A 53 -8.57 -6.93 -13.01
N GLY A 54 -7.78 -6.52 -14.00
CA GLY A 54 -7.76 -5.11 -14.40
C GLY A 54 -7.27 -4.18 -13.31
N ALA A 55 -6.43 -4.66 -12.39
CA ALA A 55 -6.01 -3.85 -11.25
C ALA A 55 -5.04 -2.76 -11.71
N THR A 56 -5.38 -1.49 -11.48
CA THR A 56 -4.54 -0.40 -11.97
C THR A 56 -3.64 0.19 -10.89
N ASN A 57 -3.79 -0.24 -9.65
CA ASN A 57 -3.00 0.35 -8.57
C ASN A 57 -2.82 -0.67 -7.45
N LEU A 58 -1.96 -0.29 -6.50
CA LEU A 58 -1.59 -1.19 -5.42
C LEU A 58 -2.79 -1.57 -4.57
N THR A 59 -3.61 -0.56 -4.21
CA THR A 59 -4.83 -0.82 -3.46
C THR A 59 -5.70 -1.87 -4.14
N ASP A 60 -5.89 -1.75 -5.47
CA ASP A 60 -6.63 -2.76 -6.20
C ASP A 60 -5.95 -4.12 -6.09
N ALA A 61 -4.63 -4.17 -6.31
CA ALA A 61 -3.91 -5.43 -6.25
C ALA A 61 -4.13 -6.11 -4.90
N LEU A 62 -4.20 -5.31 -3.82
CA LEU A 62 -4.27 -5.81 -2.45
C LEU A 62 -5.66 -6.35 -2.08
N LYS A 63 -6.67 -6.22 -2.95
CA LYS A 63 -7.92 -6.93 -2.70
C LYS A 63 -7.73 -8.44 -2.61
N ASN A 64 -6.61 -8.97 -3.10
CA ASN A 64 -6.38 -10.41 -3.05
C ASN A 64 -5.83 -10.88 -1.72
N VAL A 65 -5.61 -9.97 -0.76
CA VAL A 65 -5.11 -10.32 0.57
C VAL A 65 -6.23 -10.02 1.57
N PRO A 66 -6.76 -11.03 2.26
CA PRO A 66 -7.91 -10.80 3.14
C PRO A 66 -7.56 -9.84 4.28
N GLY A 67 -8.47 -8.89 4.52
CA GLY A 67 -8.33 -7.95 5.62
C GLY A 67 -7.50 -6.73 5.31
N VAL A 68 -6.61 -6.80 4.33
CA VAL A 68 -5.77 -5.68 3.94
C VAL A 68 -6.57 -4.75 3.06
N GLY A 69 -6.79 -3.52 3.52
CA GLY A 69 -7.51 -2.52 2.75
C GLY A 69 -7.29 -1.14 3.33
N ALA A 70 -7.72 -0.13 2.55
CA ALA A 70 -7.57 1.28 2.94
C ALA A 70 -8.83 1.75 3.67
N PHE A 71 -8.99 1.25 4.89
CA PHE A 71 -10.21 1.45 5.67
C PHE A 71 -10.23 2.79 6.41
N PHE A 72 -9.14 3.55 6.40
CA PHE A 72 -9.00 4.74 7.22
C PHE A 72 -9.13 6.01 6.38
N ALA A 73 -9.68 7.05 6.99
CA ALA A 73 -9.86 8.36 6.36
C ALA A 73 -10.99 8.32 5.33
N ASP A 83 -6.85 8.33 2.72
CA ASP A 83 -7.02 6.88 2.80
C ASP A 83 -5.67 6.17 2.89
N ALA A 84 -5.50 5.37 3.95
CA ALA A 84 -4.29 4.61 4.21
C ALA A 84 -4.62 3.13 4.30
N ILE A 85 -3.65 2.30 3.91
CA ILE A 85 -3.82 0.85 3.95
C ILE A 85 -3.59 0.37 5.38
N TYR A 86 -4.45 -0.53 5.84
CA TYR A 86 -4.34 -1.09 7.18
C TYR A 86 -4.13 -2.60 7.12
N MET A 87 -3.31 -3.10 8.03
CA MET A 87 -3.12 -4.52 8.25
C MET A 87 -3.12 -4.79 9.74
N ARG A 88 -3.92 -5.77 10.17
CA ARG A 88 -3.98 -6.17 11.58
C ARG A 88 -4.10 -4.96 12.51
N GLY A 89 -4.91 -3.99 12.11
CA GLY A 89 -5.17 -2.83 12.93
C GLY A 89 -4.13 -1.73 12.85
N ALA A 90 -3.06 -1.92 12.09
CA ALA A 90 -1.96 -0.97 12.04
C ALA A 90 -1.88 -0.32 10.67
N ASP A 91 -1.76 1.00 10.67
CA ASP A 91 -1.43 1.73 9.46
C ASP A 91 -0.15 1.16 8.83
N THR A 92 -0.21 0.79 7.55
CA THR A 92 0.92 0.19 6.85
C THR A 92 1.57 1.16 5.86
N SER A 93 1.14 2.44 5.85
CA SER A 93 1.61 3.38 4.84
C SER A 93 3.11 3.54 4.85
N ASN A 94 3.72 3.48 6.03
CA ASN A 94 5.17 3.60 6.14
C ASN A 94 5.88 2.26 6.03
N SER A 95 5.15 1.21 5.63
CA SER A 95 5.71 -0.13 5.46
C SER A 95 5.42 -0.65 4.05
N ILE A 96 5.52 0.25 3.08
CA ILE A 96 5.44 -0.08 1.66
C ILE A 96 6.84 0.05 1.09
N TYR A 97 7.30 -0.96 0.37
CA TYR A 97 8.63 -0.95 -0.21
C TYR A 97 8.52 -1.13 -1.71
N ILE A 98 9.52 -0.62 -2.43
CA ILE A 98 9.65 -0.84 -3.87
C ILE A 98 11.01 -1.48 -4.09
N ASP A 99 11.00 -2.73 -4.54
CA ASP A 99 12.21 -3.54 -4.65
C ASP A 99 12.95 -3.58 -3.32
N GLY A 100 12.22 -3.72 -2.22
CA GLY A 100 12.83 -3.83 -0.92
C GLY A 100 13.37 -2.53 -0.35
N ILE A 101 13.17 -1.40 -1.03
CA ILE A 101 13.62 -0.10 -0.56
C ILE A 101 12.39 0.73 -0.25
N ARG A 102 12.44 1.46 0.88
CA ARG A 102 11.25 2.13 1.36
C ARG A 102 10.69 3.07 0.31
N ASP A 103 9.37 3.06 0.15
CA ASP A 103 8.72 4.03 -0.71
C ASP A 103 8.47 5.31 0.10
N ILE A 104 8.93 6.42 -0.40
CA ILE A 104 8.90 7.67 0.36
C ILE A 104 7.66 8.47 -0.01
N GLY A 105 7.28 9.39 0.86
CA GLY A 105 6.03 10.05 0.55
C GLY A 105 4.85 9.06 0.57
N SER A 106 3.67 9.57 0.22
CA SER A 106 2.42 8.84 0.38
C SER A 106 1.48 9.13 -0.79
N VAL A 107 1.81 8.59 -1.95
CA VAL A 107 0.99 8.73 -3.14
C VAL A 107 0.56 7.34 -3.60
N SER A 108 -0.55 7.29 -4.32
CA SER A 108 -0.99 6.01 -4.85
C SER A 108 0.03 5.47 -5.84
N ARG A 109 0.10 4.16 -5.94
CA ARG A 109 1.13 3.49 -6.73
C ARG A 109 0.45 2.70 -7.85
N ASP A 110 0.76 3.07 -9.08
CA ASP A 110 0.21 2.42 -10.26
C ASP A 110 0.92 1.07 -10.47
N THR A 111 0.21 0.12 -11.08
CA THR A 111 0.79 -1.21 -11.26
C THR A 111 1.51 -1.39 -12.60
N PHE A 112 1.60 -0.35 -13.44
CA PHE A 112 2.07 -0.56 -14.82
C PHE A 112 3.49 -1.12 -14.87
N ASN A 113 4.31 -0.85 -13.86
CA ASN A 113 5.72 -1.27 -13.86
C ASN A 113 6.01 -2.37 -12.84
N THR A 114 4.98 -3.11 -12.41
CA THR A 114 5.12 -4.06 -11.32
C THR A 114 5.07 -5.48 -11.85
N GLU A 115 6.07 -6.29 -11.46
CA GLU A 115 6.07 -7.70 -11.81
C GLU A 115 5.31 -8.55 -10.79
N GLN A 116 5.40 -8.23 -9.51
CA GLN A 116 4.60 -8.91 -8.49
C GLN A 116 4.61 -8.07 -7.22
N VAL A 117 3.67 -8.36 -6.33
CA VAL A 117 3.54 -7.68 -5.04
C VAL A 117 3.67 -8.73 -3.95
N GLU A 118 4.63 -8.51 -3.04
CA GLU A 118 4.94 -9.45 -1.97
C GLU A 118 4.42 -8.87 -0.66
N VAL A 119 3.50 -9.59 -0.03
CA VAL A 119 2.87 -9.15 1.21
C VAL A 119 3.28 -10.12 2.31
N ILE A 120 3.92 -9.59 3.34
CA ILE A 120 4.24 -10.37 4.53
C ILE A 120 3.22 -9.99 5.58
N LYS A 121 2.51 -10.98 6.11
CA LYS A 121 1.59 -10.79 7.22
C LYS A 121 2.33 -11.19 8.48
N GLY A 122 2.62 -10.20 9.34
CA GLY A 122 3.47 -10.43 10.47
C GLY A 122 4.73 -9.58 10.37
N PRO A 123 5.66 -9.78 11.30
CA PRO A 123 6.84 -8.90 11.34
C PRO A 123 7.78 -9.13 10.17
N SER A 124 8.48 -8.06 9.79
CA SER A 124 9.54 -8.16 8.79
C SER A 124 10.69 -7.20 9.11
N GLY A 125 10.85 -6.85 10.39
CA GLY A 125 11.87 -5.91 10.78
C GLY A 125 13.29 -6.40 10.49
N THR A 126 13.51 -7.72 10.51
CA THR A 126 14.84 -8.22 10.17
C THR A 126 15.16 -7.95 8.70
N ASP A 127 14.15 -7.84 7.85
CA ASP A 127 14.30 -7.58 6.41
C ASP A 127 14.36 -6.09 6.08
N TYR A 128 13.58 -5.26 6.76
CA TYR A 128 13.49 -3.83 6.40
C TYR A 128 13.79 -2.89 7.55
N GLY A 129 14.05 -3.39 8.75
CA GLY A 129 14.36 -2.54 9.88
C GLY A 129 13.16 -1.81 10.44
N ARG A 130 12.85 -0.64 9.89
CA ARG A 130 11.83 0.26 10.44
C ARG A 130 10.51 0.04 9.71
N SER A 131 9.86 -1.08 10.03
CA SER A 131 8.60 -1.46 9.40
C SER A 131 7.58 -1.85 10.48
N ALA A 132 6.32 -1.89 10.07
CA ALA A 132 5.26 -2.19 11.02
C ALA A 132 5.31 -3.67 11.41
N PRO A 133 5.26 -4.00 12.70
CA PRO A 133 5.30 -5.42 13.09
C PRO A 133 4.08 -6.21 12.63
N THR A 134 3.09 -5.55 12.04
CA THR A 134 1.88 -6.23 11.54
C THR A 134 2.01 -6.71 10.10
N GLY A 135 2.85 -6.07 9.29
CA GLY A 135 3.03 -6.53 7.92
C GLY A 135 3.71 -5.50 7.06
N SER A 136 4.23 -5.98 5.93
CA SER A 136 4.93 -5.14 4.96
C SER A 136 4.46 -5.51 3.56
N ILE A 137 4.59 -4.56 2.64
CA ILE A 137 4.20 -4.74 1.25
C ILE A 137 5.38 -4.32 0.39
N ASN A 138 5.78 -5.21 -0.53
CA ASN A 138 6.95 -4.96 -1.36
C ASN A 138 6.54 -5.11 -2.83
N MET A 139 6.54 -3.99 -3.56
CA MET A 139 6.26 -3.99 -4.99
C MET A 139 7.54 -4.26 -5.77
N ILE A 140 7.54 -5.32 -6.58
CA ILE A 140 8.71 -5.73 -7.34
C ILE A 140 8.62 -5.14 -8.74
N SER A 141 9.61 -4.32 -9.11
CA SER A 141 9.60 -3.63 -10.38
C SER A 141 9.96 -4.55 -11.54
N LYS A 142 9.35 -4.30 -12.69
CA LYS A 142 9.73 -4.99 -13.91
C LYS A 142 11.19 -4.75 -14.26
N GLN A 143 11.87 -5.80 -14.74
CA GLN A 143 13.24 -5.74 -15.22
C GLN A 143 13.31 -6.24 -16.67
N PRO A 144 14.36 -5.87 -17.41
CA PRO A 144 14.54 -6.40 -18.76
C PRO A 144 14.60 -7.92 -18.75
N ARG A 145 13.87 -8.55 -19.66
CA ARG A 145 13.79 -10.00 -19.81
C ARG A 145 14.72 -10.48 -20.92
N ASN A 146 14.92 -11.80 -20.98
CA ASN A 146 15.77 -12.44 -21.98
C ASN A 146 15.06 -12.71 -23.31
N ASP A 147 13.79 -12.33 -23.43
CA ASP A 147 13.04 -12.50 -24.67
C ASP A 147 12.63 -11.13 -25.19
N SER A 148 12.31 -11.07 -26.48
CA SER A 148 11.81 -9.85 -27.10
C SER A 148 10.31 -9.98 -27.33
N GLY A 149 9.57 -8.97 -26.91
CA GLY A 149 8.13 -8.95 -27.10
C GLY A 149 7.56 -7.58 -26.78
N ILE A 150 6.31 -7.38 -27.18
CA ILE A 150 5.61 -6.13 -26.95
C ILE A 150 4.16 -6.42 -26.57
N ASP A 151 3.74 -5.88 -25.43
CA ASP A 151 2.36 -5.87 -25.02
C ASP A 151 1.88 -4.42 -24.96
N ALA A 152 0.65 -4.19 -25.43
CA ALA A 152 0.03 -2.89 -25.30
C ALA A 152 -1.43 -3.11 -24.94
N SER A 153 -1.99 -2.16 -24.18
CA SER A 153 -3.37 -2.23 -23.73
C SER A 153 -4.03 -0.87 -23.89
N ALA A 154 -5.30 -0.87 -24.28
CA ALA A 154 -6.14 0.33 -24.31
C ALA A 154 -7.47 -0.01 -23.64
N SER A 155 -7.93 0.84 -22.72
CA SER A 155 -9.10 0.57 -21.91
C SER A 155 -10.08 1.74 -21.90
N ILE A 156 -11.37 1.43 -21.90
CA ILE A 156 -12.41 2.41 -21.61
C ILE A 156 -13.26 1.84 -20.48
N GLY A 157 -13.78 2.73 -19.64
CA GLY A 157 -14.57 2.27 -18.51
C GLY A 157 -15.62 3.28 -18.07
N SER A 158 -16.27 2.98 -16.95
CA SER A 158 -17.30 3.85 -16.41
C SER A 158 -16.73 5.22 -16.09
N ALA A 159 -17.61 6.23 -16.14
CA ALA A 159 -17.27 7.57 -15.71
C ALA A 159 -16.07 8.11 -16.48
N TRP A 160 -16.07 7.88 -17.80
CA TRP A 160 -15.05 8.39 -18.70
C TRP A 160 -13.66 7.85 -18.40
N PHE A 161 -13.58 6.63 -17.88
CA PHE A 161 -12.28 6.03 -17.64
C PHE A 161 -11.58 5.76 -18.98
N ARG A 162 -10.35 6.23 -19.12
CA ARG A 162 -9.49 5.88 -20.24
C ARG A 162 -8.10 5.52 -19.73
N ARG A 163 -7.51 4.47 -20.29
CA ARG A 163 -6.17 4.07 -19.87
C ARG A 163 -5.43 3.42 -21.04
N GLY A 164 -4.13 3.69 -21.12
CA GLY A 164 -3.30 3.04 -22.11
C GLY A 164 -2.00 2.60 -21.47
N THR A 165 -1.51 1.41 -21.81
CA THR A 165 -0.22 0.98 -21.31
C THR A 165 0.57 0.34 -22.44
N LEU A 166 1.88 0.29 -22.23
CA LEU A 166 2.78 -0.29 -23.20
C LEU A 166 3.95 -0.90 -22.44
N ASP A 167 4.36 -2.09 -22.87
CA ASP A 167 5.43 -2.84 -22.21
C ASP A 167 6.28 -3.45 -23.33
N VAL A 168 7.43 -2.84 -23.59
CA VAL A 168 8.33 -3.24 -24.66
C VAL A 168 9.57 -3.87 -24.04
N ASN A 169 9.90 -5.09 -24.45
CA ASN A 169 11.16 -5.71 -24.06
C ASN A 169 11.92 -6.14 -25.31
N GLN A 170 13.20 -5.78 -25.38
CA GLN A 170 13.98 -6.04 -26.58
C GLN A 170 15.39 -6.47 -26.20
N VAL A 171 15.78 -7.65 -26.67
CA VAL A 171 17.15 -8.13 -26.52
C VAL A 171 18.02 -7.48 -27.59
N ILE A 172 19.12 -6.86 -27.18
CA ILE A 172 19.87 -5.94 -28.03
C ILE A 172 21.28 -6.44 -28.34
N GLY A 173 21.76 -7.46 -27.68
CA GLY A 173 22.99 -8.14 -28.07
C GLY A 173 22.94 -9.58 -27.63
N ASP A 174 24.11 -10.13 -27.33
CA ASP A 174 24.16 -11.44 -26.68
C ASP A 174 23.86 -11.33 -25.19
N THR A 175 24.15 -10.19 -24.56
CA THR A 175 24.01 -10.09 -23.12
C THR A 175 23.30 -8.81 -22.67
N THR A 176 22.66 -8.08 -23.58
CA THR A 176 22.04 -6.81 -23.24
C THR A 176 20.56 -6.86 -23.58
N ALA A 177 19.73 -6.29 -22.72
CA ALA A 177 18.31 -6.16 -22.98
C ALA A 177 17.82 -4.83 -22.40
N VAL A 178 16.82 -4.25 -23.08
CA VAL A 178 16.15 -3.04 -22.62
C VAL A 178 14.68 -3.35 -22.41
N ARG A 179 14.05 -2.59 -21.53
CA ARG A 179 12.61 -2.67 -21.37
C ARG A 179 12.06 -1.28 -21.14
N LEU A 180 10.88 -1.01 -21.68
CA LEU A 180 10.21 0.26 -21.48
C LEU A 180 8.76 -0.01 -21.16
N ASN A 181 8.28 0.58 -20.06
CA ASN A 181 6.87 0.55 -19.69
C ASN A 181 6.35 1.97 -19.66
N VAL A 182 5.20 2.17 -20.29
CA VAL A 182 4.57 3.48 -20.41
C VAL A 182 3.12 3.33 -19.97
N MET A 183 2.61 4.32 -19.25
CA MET A 183 1.24 4.28 -18.76
C MET A 183 0.63 5.68 -18.86
N GLY A 184 -0.64 5.73 -19.23
CA GLY A 184 -1.39 6.97 -19.12
C GLY A 184 -2.81 6.66 -18.69
N GLU A 185 -3.37 7.46 -17.78
CA GLU A 185 -4.73 7.23 -17.31
C GLU A 185 -5.42 8.54 -16.97
N LYS A 186 -6.69 8.66 -17.37
CA LYS A 186 -7.57 9.75 -16.95
C LYS A 186 -8.95 9.19 -16.64
N THR A 187 -9.53 9.60 -15.52
CA THR A 187 -10.85 9.08 -15.19
C THR A 187 -11.56 10.05 -14.27
N HIS A 188 -12.89 10.07 -14.39
CA HIS A 188 -13.73 10.63 -13.33
C HIS A 188 -14.09 9.49 -12.39
N ASP A 189 -15.05 9.72 -11.51
CA ASP A 189 -15.38 8.76 -10.47
C ASP A 189 -16.87 8.47 -10.56
N ALA A 190 -17.21 7.19 -10.79
CA ALA A 190 -18.61 6.84 -11.00
C ALA A 190 -19.44 7.10 -9.76
N GLY A 191 -18.85 6.99 -8.56
CA GLY A 191 -19.61 7.20 -7.35
C GLY A 191 -19.59 8.61 -6.79
N ARG A 192 -18.75 9.51 -7.31
CA ARG A 192 -18.46 10.77 -6.62
C ARG A 192 -18.41 11.91 -7.62
N ASP A 193 -19.25 12.94 -7.44
CA ASP A 193 -19.19 14.11 -8.30
C ASP A 193 -17.79 14.73 -8.24
N LYS A 194 -17.35 15.28 -9.37
CA LYS A 194 -16.13 16.10 -9.51
C LYS A 194 -14.82 15.39 -9.20
N VAL A 195 -14.82 14.34 -8.37
CA VAL A 195 -13.57 13.63 -8.10
C VAL A 195 -13.01 13.08 -9.41
N LYS A 196 -11.70 13.21 -9.59
CA LYS A 196 -11.06 12.71 -10.79
C LYS A 196 -9.59 12.40 -10.54
N ASN A 197 -9.05 11.56 -11.39
CA ASN A 197 -7.66 11.15 -11.31
C ASN A 197 -7.06 11.18 -12.71
N GLU A 198 -5.83 11.67 -12.80
CA GLU A 198 -5.11 11.71 -14.06
C GLU A 198 -3.65 11.46 -13.76
N ARG A 199 -3.00 10.61 -14.56
CA ARG A 199 -1.60 10.34 -14.30
C ARG A 199 -0.95 9.73 -15.54
N TYR A 200 0.38 9.85 -15.58
CA TYR A 200 1.12 9.08 -16.56
C TYR A 200 2.43 8.63 -15.93
N GLY A 201 3.04 7.61 -16.53
CA GLY A 201 4.29 7.08 -16.02
C GLY A 201 5.15 6.56 -17.15
N VAL A 202 6.47 6.69 -16.98
CA VAL A 202 7.44 6.18 -17.94
C VAL A 202 8.55 5.50 -17.15
N ALA A 203 8.91 4.29 -17.55
CA ALA A 203 9.89 3.48 -16.82
C ALA A 203 10.82 2.76 -17.78
N PRO A 204 11.88 3.43 -18.24
CA PRO A 204 12.89 2.76 -19.06
C PRO A 204 13.96 2.08 -18.23
N SER A 205 14.45 0.95 -18.76
CA SER A 205 15.50 0.15 -18.11
C SER A 205 16.47 -0.40 -19.16
N VAL A 206 17.70 -0.65 -18.73
CA VAL A 206 18.63 -1.44 -19.53
C VAL A 206 19.39 -2.37 -18.59
N ALA A 207 19.67 -3.59 -19.06
CA ALA A 207 20.47 -4.56 -18.31
C ALA A 207 21.63 -5.03 -19.18
N PHE A 208 22.82 -5.02 -18.60
CA PHE A 208 24.05 -5.44 -19.26
C PHE A 208 24.58 -6.70 -18.59
N GLY A 209 25.22 -7.56 -19.39
CA GLY A 209 25.86 -8.74 -18.84
C GLY A 209 24.91 -9.86 -18.45
N LEU A 210 23.72 -9.91 -19.04
CA LEU A 210 22.80 -11.00 -18.76
C LEU A 210 23.40 -12.33 -19.16
N GLY A 211 23.22 -13.35 -18.32
CA GLY A 211 23.83 -14.64 -18.59
C GLY A 211 25.32 -14.71 -18.36
N THR A 212 25.92 -13.70 -17.75
CA THR A 212 27.32 -13.73 -17.36
C THR A 212 27.42 -13.58 -15.84
N ALA A 213 28.65 -13.64 -15.33
CA ALA A 213 28.93 -13.50 -13.91
C ALA A 213 28.86 -12.06 -13.42
N ASN A 214 28.74 -11.09 -14.33
CA ASN A 214 28.76 -9.67 -13.96
C ASN A 214 27.59 -8.99 -14.66
N ARG A 215 26.66 -8.46 -13.87
CA ARG A 215 25.42 -7.89 -14.37
C ARG A 215 25.25 -6.48 -13.83
N LEU A 216 24.67 -5.62 -14.66
CA LEU A 216 24.37 -4.24 -14.28
C LEU A 216 22.95 -3.93 -14.74
N TYR A 217 22.09 -3.55 -13.80
CA TYR A 217 20.72 -3.15 -14.10
C TYR A 217 20.58 -1.67 -13.80
N LEU A 218 20.10 -0.90 -14.79
CA LEU A 218 19.82 0.52 -14.64
C LEU A 218 18.33 0.72 -14.87
N ASN A 219 17.64 1.32 -13.88
CA ASN A 219 16.20 1.55 -13.92
C ASN A 219 15.91 3.02 -13.71
N TYR A 220 14.93 3.55 -14.43
CA TYR A 220 14.41 4.87 -14.14
C TYR A 220 12.89 4.81 -14.10
N LEU A 221 12.29 5.67 -13.27
CA LEU A 221 10.85 5.77 -13.23
C LEU A 221 10.44 7.21 -12.99
N HIS A 222 9.53 7.69 -13.81
CA HIS A 222 8.87 8.97 -13.60
C HIS A 222 7.37 8.76 -13.64
N VAL A 223 6.67 9.34 -12.67
CA VAL A 223 5.21 9.38 -12.65
C VAL A 223 4.78 10.80 -12.28
N THR A 224 3.77 11.31 -12.97
CA THR A 224 3.09 12.55 -12.60
C THR A 224 1.62 12.25 -12.37
N GLN A 225 1.04 12.81 -11.30
CA GLN A 225 -0.39 12.71 -11.04
C GLN A 225 -1.00 14.09 -10.87
N HIS A 226 -2.22 14.26 -11.38
CA HIS A 226 -3.01 15.49 -11.22
C HIS A 226 -4.45 15.02 -10.94
N ASN A 227 -4.87 15.12 -9.67
CA ASN A 227 -6.13 14.56 -9.21
C ASN A 227 -6.99 15.65 -8.57
N THR A 228 -8.30 15.38 -8.49
CA THR A 228 -9.19 16.13 -7.62
C THR A 228 -9.47 15.25 -6.41
N PRO A 229 -9.02 15.62 -5.21
CA PRO A 229 -9.11 14.73 -4.07
C PRO A 229 -10.50 14.74 -3.43
N ASP A 230 -10.77 13.68 -2.67
CA ASP A 230 -12.08 13.38 -2.12
C ASP A 230 -11.99 13.31 -0.59
N GLY A 231 -12.54 14.31 0.09
CA GLY A 231 -12.63 14.27 1.54
C GLY A 231 -13.79 13.47 2.09
N GLY A 232 -14.65 12.92 1.24
CA GLY A 232 -15.80 12.15 1.72
C GLY A 232 -17.00 13.02 2.05
N ILE A 233 -18.02 12.37 2.63
CA ILE A 233 -19.35 12.95 2.77
C ILE A 233 -19.83 12.74 4.20
N PRO A 234 -20.84 13.50 4.64
CA PRO A 234 -21.32 13.36 6.03
C PRO A 234 -21.80 11.95 6.32
N THR A 235 -21.62 11.53 7.57
CA THR A 235 -22.05 10.23 8.05
C THR A 235 -23.49 10.22 8.56
N ILE A 236 -24.21 11.33 8.41
CA ILE A 236 -25.62 11.38 8.81
C ILE A 236 -26.37 10.18 8.24
N GLY A 237 -27.21 9.56 9.07
CA GLY A 237 -28.09 8.51 8.60
C GLY A 237 -27.45 7.13 8.49
N LEU A 238 -26.13 7.01 8.64
CA LEU A 238 -25.52 5.70 8.68
C LEU A 238 -25.95 4.95 9.95
N PRO A 239 -25.86 3.63 9.93
CA PRO A 239 -26.04 2.88 11.18
C PRO A 239 -25.11 3.42 12.24
N GLY A 240 -25.67 3.67 13.44
CA GLY A 240 -24.89 4.19 14.54
C GLY A 240 -24.78 5.71 14.62
N TYR A 241 -25.22 6.43 13.59
CA TYR A 241 -25.17 7.89 13.64
C TYR A 241 -26.27 8.47 14.52
N SER A 242 -25.91 9.46 15.34
CA SER A 242 -26.82 10.28 16.12
C SER A 242 -26.44 11.75 15.95
N ALA A 243 -27.43 12.62 15.90
CA ALA A 243 -27.15 14.04 15.87
C ALA A 243 -26.36 14.42 17.13
N PRO A 244 -25.46 15.40 17.03
CA PRO A 244 -24.58 15.69 18.17
C PRO A 244 -25.22 16.52 19.29
N SER A 245 -26.43 17.03 19.12
CA SER A 245 -27.08 17.78 20.18
C SER A 245 -28.59 17.61 20.11
N ALA A 246 -29.26 17.97 21.22
CA ALA A 246 -30.72 18.06 21.22
C ALA A 246 -31.22 19.01 20.13
N GLY A 247 -30.56 20.16 19.97
CA GLY A 247 -31.03 21.15 19.00
C GLY A 247 -30.85 20.75 17.54
N THR A 248 -29.97 19.79 17.25
CA THR A 248 -29.83 19.30 15.88
C THR A 248 -30.52 17.96 15.65
N ALA A 249 -31.48 17.59 16.51
CA ALA A 249 -32.17 16.31 16.43
C ALA A 249 -32.86 16.06 15.09
N ALA A 250 -33.14 17.11 14.29
CA ALA A 250 -33.70 16.87 12.96
C ALA A 250 -32.81 15.95 12.11
N LEU A 251 -31.50 15.92 12.39
CA LEU A 251 -30.59 15.08 11.62
C LEU A 251 -30.72 13.60 11.96
N ASN A 252 -31.47 13.25 13.01
CA ASN A 252 -31.81 11.85 13.22
C ASN A 252 -32.92 11.36 12.28
N HIS A 253 -33.53 12.27 11.50
CA HIS A 253 -34.67 11.90 10.66
C HIS A 253 -34.55 12.34 9.21
N SER A 254 -33.50 13.07 8.84
CA SER A 254 -33.40 13.67 7.52
C SER A 254 -32.74 12.76 6.48
N GLY A 255 -32.12 11.67 6.92
CA GLY A 255 -31.64 10.63 6.02
C GLY A 255 -30.20 10.82 5.55
N LYS A 256 -29.65 9.73 5.01
CA LYS A 256 -28.33 9.75 4.39
C LYS A 256 -28.27 10.78 3.27
N VAL A 257 -27.13 11.47 3.15
CA VAL A 257 -26.95 12.36 2.00
C VAL A 257 -26.72 11.53 0.74
N ASP A 258 -27.03 12.12 -0.41
CA ASP A 258 -26.71 11.53 -1.71
C ASP A 258 -25.23 11.18 -1.77
N THR A 259 -24.91 9.90 -1.95
CA THR A 259 -23.51 9.48 -1.89
C THR A 259 -22.67 10.04 -3.03
N HIS A 260 -23.27 10.65 -4.05
CA HIS A 260 -22.52 11.30 -5.12
C HIS A 260 -22.08 12.72 -4.78
N ASN A 261 -22.60 13.31 -3.70
CA ASN A 261 -22.33 14.72 -3.37
C ASN A 261 -20.86 14.98 -3.11
N PHE A 262 -20.33 16.05 -3.71
CA PHE A 262 -18.98 16.57 -3.46
C PHE A 262 -19.06 17.75 -2.50
N TYR A 263 -18.37 17.66 -1.37
CA TYR A 263 -18.40 18.70 -0.33
C TYR A 263 -17.18 19.62 -0.38
N GLY A 264 -16.32 19.46 -1.38
CA GLY A 264 -15.14 20.29 -1.53
C GLY A 264 -15.41 21.55 -2.34
N THR A 265 -14.35 22.06 -2.96
CA THR A 265 -14.45 23.25 -3.79
C THR A 265 -13.77 23.02 -5.12
N ASP A 266 -14.09 23.90 -6.09
CA ASP A 266 -13.45 23.84 -7.39
C ASP A 266 -11.96 24.20 -7.35
N SER A 267 -11.43 24.60 -6.19
CA SER A 267 -10.00 24.81 -6.03
C SER A 267 -9.26 23.58 -5.51
N ASP A 268 -9.96 22.60 -4.93
CA ASP A 268 -9.31 21.41 -4.42
C ASP A 268 -8.54 20.70 -5.53
N TYR A 269 -7.35 20.24 -5.21
CA TYR A 269 -6.48 19.60 -6.19
C TYR A 269 -5.45 18.77 -5.44
N ASP A 270 -4.82 17.86 -6.18
CA ASP A 270 -3.76 17.02 -5.61
C ASP A 270 -2.78 16.72 -6.73
N ASP A 271 -1.57 17.29 -6.64
CA ASP A 271 -0.51 17.08 -7.63
C ASP A 271 0.66 16.33 -7.00
N SER A 272 1.27 15.43 -7.76
CA SER A 272 2.48 14.77 -7.28
C SER A 272 3.36 14.35 -8.45
N THR A 273 4.65 14.25 -8.18
CA THR A 273 5.62 13.67 -9.10
C THR A 273 6.51 12.70 -8.34
N THR A 274 6.85 11.60 -9.01
CA THR A 274 7.82 10.64 -8.52
C THR A 274 8.95 10.54 -9.54
N ASP A 275 10.19 10.65 -9.06
CA ASP A 275 11.37 10.43 -9.89
C ASP A 275 12.31 9.50 -9.14
N THR A 276 12.63 8.36 -9.74
CA THR A 276 13.42 7.32 -9.09
C THR A 276 14.44 6.80 -10.06
N ALA A 277 15.70 6.71 -9.62
CA ALA A 277 16.76 6.10 -10.43
C ALA A 277 17.47 5.03 -9.60
N THR A 278 17.70 3.87 -10.22
CA THR A 278 18.24 2.71 -9.50
C THR A 278 19.36 2.08 -10.31
N MET A 279 20.47 1.76 -9.62
CA MET A 279 21.64 1.13 -10.23
C MET A 279 22.01 -0.09 -9.39
N ARG A 280 21.91 -1.28 -9.98
CA ARG A 280 22.20 -2.53 -9.27
C ARG A 280 23.31 -3.30 -9.99
N PHE A 281 24.45 -3.45 -9.31
CA PHE A 281 25.55 -4.29 -9.78
C PHE A 281 25.46 -5.64 -9.11
N GLU A 282 25.70 -6.71 -9.87
CA GLU A 282 25.75 -8.06 -9.30
C GLU A 282 26.99 -8.78 -9.81
N HIS A 283 27.69 -9.44 -8.89
CA HIS A 283 28.89 -10.21 -9.22
C HIS A 283 28.81 -11.59 -8.57
N ASP A 284 28.87 -12.63 -9.39
CA ASP A 284 28.92 -14.00 -8.89
C ASP A 284 30.37 -14.31 -8.50
N ILE A 285 30.62 -14.50 -7.20
CA ILE A 285 31.95 -14.89 -6.75
C ILE A 285 32.25 -16.33 -7.22
N ASN A 286 31.26 -17.20 -7.14
CA ASN A 286 31.31 -18.51 -7.77
C ASN A 286 29.86 -18.94 -7.98
N ASP A 287 29.66 -20.20 -8.34
CA ASP A 287 28.31 -20.69 -8.64
C ASP A 287 27.38 -20.59 -7.44
N ASN A 288 27.89 -20.52 -6.22
CA ASN A 288 27.04 -20.51 -5.04
C ASN A 288 27.18 -19.22 -4.21
N THR A 289 27.84 -18.19 -4.74
CA THR A 289 28.08 -16.97 -3.99
C THR A 289 27.93 -15.78 -4.92
N THR A 290 27.09 -14.84 -4.53
CA THR A 290 26.79 -13.66 -5.32
C THR A 290 26.83 -12.45 -4.42
N ILE A 291 27.45 -11.38 -4.88
CA ILE A 291 27.39 -10.14 -4.14
C ILE A 291 26.71 -9.10 -5.01
N ARG A 292 25.96 -8.20 -4.36
CA ARG A 292 25.07 -7.26 -5.01
C ARG A 292 25.25 -5.90 -4.36
N ASN A 293 25.23 -4.86 -5.17
CA ASN A 293 25.22 -3.50 -4.64
C ASN A 293 24.19 -2.69 -5.39
N THR A 294 23.23 -2.12 -4.65
CA THR A 294 22.15 -1.35 -5.23
C THR A 294 22.24 0.09 -4.75
N THR A 295 22.21 1.04 -5.67
CA THR A 295 22.08 2.45 -5.36
C THR A 295 20.74 2.94 -5.91
N ARG A 296 19.98 3.65 -5.09
CA ARG A 296 18.74 4.29 -5.53
C ARG A 296 18.71 5.73 -5.05
N TRP A 297 18.38 6.64 -5.97
CA TRP A 297 17.94 7.99 -5.62
C TRP A 297 16.47 8.12 -6.01
N SER A 298 15.68 8.72 -5.12
CA SER A 298 14.28 8.91 -5.41
C SER A 298 13.77 10.19 -4.74
N ARG A 299 12.85 10.86 -5.43
CA ARG A 299 12.21 12.08 -4.92
C ARG A 299 10.73 12.02 -5.25
N VAL A 300 9.89 12.24 -4.23
CA VAL A 300 8.45 12.31 -4.36
C VAL A 300 8.03 13.68 -3.86
N LYS A 301 7.46 14.49 -4.75
CA LYS A 301 6.94 15.82 -4.42
C LYS A 301 5.42 15.78 -4.50
N GLN A 302 4.76 16.43 -3.55
CA GLN A 302 3.30 16.45 -3.54
C GLN A 302 2.80 17.77 -2.96
N ASP A 303 1.75 18.32 -3.55
CA ASP A 303 1.03 19.39 -2.89
C ASP A 303 -0.44 19.25 -3.21
N TYR A 304 -1.27 19.59 -2.22
CA TYR A 304 -2.71 19.44 -2.39
C TYR A 304 -3.45 20.43 -1.49
N LEU A 305 -4.68 20.69 -1.88
CA LEU A 305 -5.69 21.34 -1.06
C LEU A 305 -6.91 20.43 -1.10
N MET A 306 -7.31 19.92 0.07
CA MET A 306 -8.48 19.05 0.18
C MET A 306 -9.41 19.59 1.25
N THR A 307 -10.71 19.38 1.06
CA THR A 307 -11.73 19.84 2.00
C THR A 307 -12.06 18.72 2.98
N ALA A 308 -11.88 18.98 4.27
CA ALA A 308 -12.39 18.12 5.34
C ALA A 308 -13.57 18.82 6.02
N ILE A 309 -14.66 18.09 6.20
CA ILE A 309 -15.89 18.65 6.76
C ILE A 309 -16.03 18.19 8.20
N MET A 310 -16.67 19.02 9.02
CA MET A 310 -16.85 18.77 10.44
C MET A 310 -18.32 18.92 10.80
N GLY A 311 -18.84 18.02 11.63
CA GLY A 311 -20.27 18.03 11.93
C GLY A 311 -20.63 18.03 13.41
N GLY A 312 -19.77 18.58 14.27
CA GLY A 312 -20.11 18.70 15.67
C GLY A 312 -21.12 19.81 15.89
N ALA A 313 -21.66 19.85 17.12
CA ALA A 313 -22.61 20.91 17.46
C ALA A 313 -22.02 22.29 17.14
N SER A 314 -20.75 22.51 17.45
CA SER A 314 -20.14 23.81 17.21
C SER A 314 -19.75 24.03 15.74
N ASN A 315 -19.84 23.00 14.89
CA ASN A 315 -19.55 23.14 13.47
C ASN A 315 -20.80 23.33 12.60
N ILE A 316 -21.99 23.22 13.17
CA ILE A 316 -23.24 23.23 12.40
C ILE A 316 -23.88 24.60 12.49
N THR A 317 -24.19 25.19 11.35
CA THR A 317 -24.92 26.45 11.31
C THR A 317 -26.35 26.19 10.83
N GLN A 318 -27.30 26.90 11.43
CA GLN A 318 -28.74 26.69 11.17
C GLN A 318 -29.36 28.01 10.76
N PRO A 319 -29.21 28.43 9.51
CA PRO A 319 -29.74 29.76 9.12
C PRO A 319 -31.25 29.87 9.32
N THR A 320 -31.99 28.78 9.10
CA THR A 320 -33.37 28.64 9.57
C THR A 320 -33.50 27.27 10.21
N SER A 321 -34.70 26.97 10.71
CA SER A 321 -35.00 25.67 11.32
C SER A 321 -35.13 24.55 10.29
N ASP A 322 -35.17 24.86 9.00
CA ASP A 322 -35.26 23.84 7.96
C ASP A 322 -33.88 23.27 7.62
N VAL A 323 -33.69 21.96 7.79
CA VAL A 323 -32.37 21.34 7.62
C VAL A 323 -31.81 21.57 6.22
N ASN A 324 -32.67 21.86 5.24
CA ASN A 324 -32.16 22.11 3.90
C ASN A 324 -31.28 23.35 3.82
N SER A 325 -31.33 24.21 4.83
CA SER A 325 -30.50 25.40 4.88
C SER A 325 -29.23 25.19 5.71
N TRP A 326 -29.15 24.10 6.45
CA TRP A 326 -28.08 23.93 7.43
C TRP A 326 -26.76 23.61 6.72
N THR A 327 -25.66 23.97 7.38
CA THR A 327 -24.31 23.75 6.87
C THR A 327 -23.46 23.04 7.91
N TRP A 328 -22.43 22.35 7.41
CA TRP A 328 -21.29 21.90 8.17
C TRP A 328 -20.10 22.77 7.82
N SER A 329 -19.12 22.84 8.71
CA SER A 329 -17.95 23.67 8.43
C SER A 329 -16.98 22.92 7.52
N ARG A 330 -16.28 23.68 6.70
CA ARG A 330 -15.18 23.15 5.90
C ARG A 330 -13.85 23.50 6.54
N THR A 331 -12.95 22.53 6.60
CA THR A 331 -11.56 22.75 6.98
C THR A 331 -10.67 22.41 5.79
N ALA A 332 -9.73 23.30 5.48
CA ALA A 332 -8.76 23.05 4.42
C ALA A 332 -7.66 22.14 4.97
N ASN A 333 -7.53 20.93 4.41
CA ASN A 333 -6.35 20.10 4.62
C ASN A 333 -5.37 20.38 3.49
N THR A 334 -4.23 20.97 3.81
CA THR A 334 -3.24 21.38 2.82
C THR A 334 -1.93 20.64 3.07
N LYS A 335 -1.15 20.51 2.00
CA LYS A 335 0.18 19.91 2.11
C LYS A 335 1.03 20.41 0.95
N ASP A 336 2.30 20.68 1.23
CA ASP A 336 3.29 21.05 0.23
C ASP A 336 4.61 20.44 0.69
N VAL A 337 4.96 19.27 0.16
CA VAL A 337 6.02 18.48 0.74
C VAL A 337 6.91 17.89 -0.34
N SER A 338 8.18 17.69 0.03
CA SER A 338 9.16 17.02 -0.81
C SER A 338 9.91 15.99 0.04
N ASN A 339 9.88 14.73 -0.39
CA ASN A 339 10.62 13.65 0.25
C ASN A 339 11.71 13.17 -0.70
N LYS A 340 12.90 12.92 -0.16
CA LYS A 340 13.99 12.36 -0.94
C LYS A 340 14.60 11.21 -0.17
N ILE A 341 15.14 10.25 -0.91
CA ILE A 341 15.94 9.18 -0.33
C ILE A 341 17.15 8.93 -1.21
N LEU A 342 18.29 8.68 -0.58
CA LEU A 342 19.47 8.14 -1.24
C LEU A 342 19.93 6.96 -0.39
N THR A 343 20.03 5.78 -1.01
CA THR A 343 20.42 4.60 -0.26
C THR A 343 21.39 3.75 -1.09
N ASN A 344 22.29 3.08 -0.40
CA ASN A 344 23.21 2.12 -0.99
C ASN A 344 23.09 0.85 -0.17
N GLN A 345 22.80 -0.27 -0.83
CA GLN A 345 22.58 -1.53 -0.15
C GLN A 345 23.47 -2.59 -0.77
N THR A 346 24.23 -3.26 0.07
CA THR A 346 25.07 -4.38 -0.34
C THR A 346 24.43 -5.64 0.23
N ASN A 347 24.29 -6.67 -0.60
CA ASN A 347 23.78 -7.96 -0.16
C ASN A 347 24.71 -9.08 -0.62
N LEU A 348 24.95 -10.04 0.25
CA LEU A 348 25.77 -11.21 -0.08
C LEU A 348 24.98 -12.45 0.23
N THR A 349 24.85 -13.36 -0.75
CA THR A 349 24.27 -14.67 -0.51
C THR A 349 25.32 -15.73 -0.83
N SER A 350 25.30 -16.79 -0.06
CA SER A 350 26.27 -17.86 -0.23
C SER A 350 25.65 -19.15 0.28
N THR A 351 25.86 -20.24 -0.47
CA THR A 351 25.41 -21.57 -0.10
C THR A 351 26.62 -22.49 0.04
N PHE A 352 26.73 -23.15 1.18
CA PHE A 352 27.91 -23.97 1.41
C PHE A 352 27.60 -24.91 2.56
N TYR A 353 28.39 -25.97 2.67
CA TYR A 353 28.25 -26.97 3.71
C TYR A 353 29.38 -26.84 4.73
N THR A 354 29.04 -27.13 5.99
CA THR A 354 30.01 -27.40 7.05
C THR A 354 29.67 -28.79 7.58
N GLY A 355 30.51 -29.77 7.27
CA GLY A 355 30.12 -31.15 7.53
C GLY A 355 28.85 -31.49 6.78
N SER A 356 27.92 -32.11 7.48
CA SER A 356 26.64 -32.48 6.87
C SER A 356 25.60 -31.37 6.93
N ILE A 357 25.90 -30.20 7.52
CA ILE A 357 24.93 -29.11 7.65
C ILE A 357 25.08 -28.16 6.46
N GLY A 358 24.02 -28.01 5.68
CA GLY A 358 24.01 -27.02 4.62
C GLY A 358 23.65 -25.64 5.13
N HIS A 359 24.27 -24.61 4.54
CA HIS A 359 24.01 -23.21 4.90
C HIS A 359 23.54 -22.43 3.68
N ASP A 360 22.53 -21.58 3.87
CA ASP A 360 22.07 -20.60 2.90
C ASP A 360 22.14 -19.25 3.61
N VAL A 361 23.16 -18.47 3.31
CA VAL A 361 23.43 -17.24 4.03
C VAL A 361 22.97 -16.07 3.19
N SER A 362 22.38 -15.07 3.84
CA SER A 362 22.07 -13.80 3.20
C SER A 362 22.38 -12.69 4.20
N THR A 363 23.34 -11.82 3.85
CA THR A 363 23.83 -10.82 4.79
C THR A 363 24.12 -9.53 4.01
N GLY A 364 24.15 -8.40 4.71
CA GLY A 364 24.45 -7.18 3.99
C GLY A 364 24.50 -5.96 4.89
N VAL A 365 24.71 -4.82 4.24
CA VAL A 365 24.89 -3.53 4.89
C VAL A 365 24.19 -2.48 4.05
N GLU A 366 23.50 -1.56 4.72
CA GLU A 366 22.71 -0.56 4.02
C GLU A 366 22.99 0.82 4.60
N PHE A 367 23.28 1.79 3.73
CA PHE A 367 23.50 3.18 4.10
C PHE A 367 22.39 4.00 3.46
N THR A 368 21.71 4.83 4.27
CA THR A 368 20.55 5.58 3.78
C THR A 368 20.52 6.99 4.36
N ARG A 369 20.27 7.98 3.50
CA ARG A 369 19.80 9.29 3.94
C ARG A 369 18.42 9.55 3.34
N GLU A 370 17.45 9.85 4.20
CA GLU A 370 16.13 10.36 3.83
C GLU A 370 15.99 11.81 4.31
N THR A 371 15.38 12.66 3.47
CA THR A 371 15.07 14.03 3.86
C THR A 371 13.62 14.34 3.52
N GLN A 372 13.08 15.34 4.23
CA GLN A 372 11.72 15.78 4.01
C GLN A 372 11.65 17.26 4.31
N THR A 373 11.00 18.01 3.43
CA THR A 373 10.72 19.41 3.69
C THR A 373 9.22 19.58 3.54
N ASN A 374 8.58 20.10 4.57
CA ASN A 374 7.20 20.55 4.50
C ASN A 374 7.24 22.06 4.39
N TYR A 375 6.84 22.57 3.22
CA TYR A 375 6.86 24.01 2.96
C TYR A 375 5.65 24.66 3.61
N GLY A 376 5.90 25.69 4.42
CA GLY A 376 4.79 26.40 5.03
C GLY A 376 4.00 27.15 3.98
N VAL A 377 2.67 27.15 4.14
CA VAL A 377 1.78 27.92 3.28
C VAL A 377 0.84 28.73 4.17
N ASN A 378 0.34 29.84 3.64
CA ASN A 378 -0.63 30.64 4.38
C ASN A 378 -1.87 29.81 4.67
N PRO A 379 -2.56 30.09 5.78
CA PRO A 379 -3.82 29.39 6.04
C PRO A 379 -4.81 29.65 4.92
N VAL A 380 -5.62 28.65 4.63
CA VAL A 380 -6.70 28.74 3.66
C VAL A 380 -8.00 28.68 4.42
N THR A 381 -8.91 29.62 4.12
CA THR A 381 -10.20 29.72 4.78
C THR A 381 -11.28 29.28 3.81
N LEU A 382 -12.15 28.38 4.25
CA LEU A 382 -13.18 27.81 3.41
C LEU A 382 -14.56 28.09 3.97
N PRO A 383 -15.52 28.53 3.14
CA PRO A 383 -16.88 28.76 3.65
C PRO A 383 -17.57 27.46 3.99
N ALA A 384 -18.57 27.56 4.87
CA ALA A 384 -19.39 26.41 5.25
C ALA A 384 -20.06 25.79 4.03
N VAL A 385 -20.43 24.52 4.16
CA VAL A 385 -21.02 23.77 3.06
C VAL A 385 -22.40 23.25 3.48
N ASN A 386 -23.38 23.48 2.61
CA ASN A 386 -24.74 23.00 2.83
C ASN A 386 -24.79 21.48 2.91
N ILE A 387 -25.49 20.95 3.93
CA ILE A 387 -25.45 19.51 4.19
C ILE A 387 -26.02 18.71 3.02
N TYR A 388 -27.27 18.98 2.66
CA TYR A 388 -27.93 18.15 1.66
C TYR A 388 -27.81 18.73 0.24
N HIS A 389 -27.38 19.98 0.10
CA HIS A 389 -27.26 20.63 -1.20
C HIS A 389 -25.93 21.37 -1.29
N PRO A 390 -24.81 20.64 -1.19
CA PRO A 390 -23.50 21.31 -1.17
C PRO A 390 -23.23 22.05 -2.47
N ASP A 391 -22.64 23.23 -2.33
CA ASP A 391 -22.25 24.08 -3.46
C ASP A 391 -20.72 24.07 -3.52
N SER A 392 -20.17 23.29 -4.45
CA SER A 392 -18.73 23.19 -4.64
C SER A 392 -18.22 24.10 -5.75
N SER A 393 -19.09 24.95 -6.32
N SER A 393 -19.09 24.93 -6.33
CA SER A 393 -18.69 25.77 -7.46
CA SER A 393 -18.68 25.76 -7.46
C SER A 393 -17.72 26.89 -7.09
C SER A 393 -17.95 27.03 -7.03
N ILE A 394 -17.41 27.07 -5.81
CA ILE A 394 -16.62 28.21 -5.35
C ILE A 394 -15.13 27.98 -5.61
N HIS A 395 -14.38 29.09 -5.73
CA HIS A 395 -12.95 29.04 -6.04
C HIS A 395 -12.17 29.81 -4.96
N PRO A 396 -12.02 29.23 -3.78
CA PRO A 396 -11.26 29.92 -2.72
C PRO A 396 -9.82 30.23 -3.10
N GLY A 397 -9.23 29.48 -4.00
CA GLY A 397 -7.85 29.71 -4.43
C GLY A 397 -6.91 28.63 -3.90
N GLY A 398 -5.69 28.68 -4.41
CA GLY A 398 -4.68 27.68 -4.09
C GLY A 398 -3.80 28.05 -2.90
N LEU A 399 -2.65 27.38 -2.85
CA LEU A 399 -1.70 27.57 -1.76
C LEU A 399 -0.70 28.66 -2.11
N THR A 400 -0.19 29.33 -1.07
CA THR A 400 0.88 30.31 -1.20
C THR A 400 1.93 30.01 -0.15
N ARG A 401 3.16 29.72 -0.58
CA ARG A 401 4.24 29.48 0.36
C ARG A 401 4.54 30.74 1.15
N ASN A 402 4.84 30.56 2.45
CA ASN A 402 5.19 31.68 3.31
C ASN A 402 6.61 31.61 3.83
N GLY A 403 7.40 30.59 3.44
CA GLY A 403 8.79 30.52 3.82
C GLY A 403 9.08 30.00 5.21
N ALA A 404 8.06 29.61 5.98
CA ALA A 404 8.28 28.97 7.29
C ALA A 404 8.13 27.47 7.08
N ASN A 405 9.26 26.77 7.01
CA ASN A 405 9.31 25.38 6.60
C ASN A 405 9.69 24.47 7.76
N ALA A 406 9.36 23.20 7.61
CA ALA A 406 9.84 22.15 8.49
C ALA A 406 10.73 21.22 7.68
N ASN A 407 11.93 20.95 8.20
CA ASN A 407 12.94 20.15 7.51
C ASN A 407 13.35 18.99 8.41
N GLY A 408 13.35 17.79 7.86
CA GLY A 408 13.81 16.62 8.59
C GLY A 408 14.80 15.82 7.78
N GLN A 409 15.67 15.12 8.50
CA GLN A 409 16.68 14.26 7.91
C GLN A 409 16.91 13.06 8.82
N THR A 410 16.94 11.87 8.23
CA THR A 410 17.27 10.65 8.97
C THR A 410 18.36 9.90 8.23
N ASP A 411 19.51 9.75 8.88
CA ASP A 411 20.59 8.91 8.39
C ASP A 411 20.53 7.57 9.10
N THR A 412 20.57 6.49 8.33
CA THR A 412 20.45 5.14 8.86
C THR A 412 21.60 4.28 8.37
N PHE A 413 22.26 3.60 9.31
CA PHE A 413 23.20 2.52 9.02
C PHE A 413 22.57 1.21 9.50
N ALA A 414 22.57 0.19 8.64
CA ALA A 414 21.96 -1.09 8.99
C ALA A 414 22.84 -2.25 8.54
N ILE A 415 22.91 -3.29 9.36
CA ILE A 415 23.60 -4.52 9.03
C ILE A 415 22.74 -5.70 9.49
N TYR A 416 22.80 -6.79 8.73
CA TYR A 416 21.92 -7.94 8.98
C TYR A 416 22.61 -9.22 8.53
N ALA A 417 22.15 -10.33 9.10
CA ALA A 417 22.62 -11.64 8.67
C ALA A 417 21.49 -12.64 8.84
N PHE A 418 21.23 -13.41 7.78
CA PHE A 418 20.31 -14.53 7.81
C PHE A 418 21.07 -15.81 7.51
N ASP A 419 20.57 -16.92 8.02
CA ASP A 419 21.09 -18.23 7.67
C ASP A 419 19.95 -19.24 7.81
N THR A 420 19.82 -20.12 6.83
CA THR A 420 18.96 -21.30 6.94
C THR A 420 19.86 -22.52 6.99
N LEU A 421 19.71 -23.32 8.03
CA LEU A 421 20.50 -24.54 8.22
C LEU A 421 19.71 -25.74 7.72
N GLN A 422 20.26 -26.44 6.73
CA GLN A 422 19.70 -27.71 6.26
C GLN A 422 20.25 -28.79 7.17
N ILE A 423 19.50 -29.14 8.22
CA ILE A 423 20.00 -30.10 9.20
C ILE A 423 19.90 -31.52 8.64
N THR A 424 18.73 -31.87 8.12
CA THR A 424 18.57 -33.07 7.32
C THR A 424 17.78 -32.67 6.08
N ARG A 425 17.52 -33.67 5.23
CA ARG A 425 16.60 -33.46 4.11
C ARG A 425 15.27 -32.90 4.58
N ASP A 426 14.80 -33.33 5.76
CA ASP A 426 13.46 -33.00 6.22
C ASP A 426 13.39 -31.84 7.21
N PHE A 427 14.50 -31.46 7.85
CA PHE A 427 14.45 -30.53 8.96
C PHE A 427 15.36 -29.33 8.67
N GLU A 428 14.81 -28.12 8.83
CA GLU A 428 15.54 -26.90 8.57
C GLU A 428 15.37 -25.94 9.74
N LEU A 429 16.46 -25.32 10.16
CA LEU A 429 16.45 -24.26 11.14
C LEU A 429 16.87 -22.96 10.47
N ASN A 430 16.27 -21.84 10.88
CA ASN A 430 16.67 -20.57 10.29
C ASN A 430 16.64 -19.47 11.34
N GLY A 431 17.34 -18.40 11.03
CA GLY A 431 17.50 -17.29 11.96
C GLY A 431 17.99 -16.08 11.22
N GLY A 432 17.68 -14.92 11.79
CA GLY A 432 18.14 -13.67 11.22
C GLY A 432 18.21 -12.62 12.30
N ILE A 433 19.10 -11.66 12.11
CA ILE A 433 19.27 -10.56 13.04
C ILE A 433 19.65 -9.34 12.23
N ARG A 434 19.13 -8.18 12.65
CA ARG A 434 19.44 -6.93 11.98
C ARG A 434 19.62 -5.85 13.02
N LEU A 435 20.61 -5.00 12.80
CA LEU A 435 20.92 -3.86 13.65
C LEU A 435 20.80 -2.59 12.82
N ASP A 436 20.04 -1.62 13.33
CA ASP A 436 19.87 -0.31 12.71
C ASP A 436 20.38 0.76 13.66
N ASN A 437 21.16 1.69 13.14
CA ASN A 437 21.58 2.87 13.88
C ASN A 437 21.15 4.08 13.07
N TYR A 438 20.38 4.96 13.67
CA TYR A 438 19.88 6.11 12.95
C TYR A 438 20.22 7.39 13.69
N HIS A 439 20.37 8.46 12.90
N HIS A 439 20.42 8.46 12.92
CA HIS A 439 20.53 9.82 13.41
CA HIS A 439 20.49 9.81 13.46
C HIS A 439 19.48 10.67 12.71
C HIS A 439 19.47 10.66 12.72
N THR A 440 18.62 11.34 13.48
CA THR A 440 17.54 12.16 12.94
C THR A 440 17.71 13.61 13.37
N GLU A 441 17.63 14.53 12.41
CA GLU A 441 17.64 15.96 12.67
C GLU A 441 16.31 16.55 12.19
N TYR A 442 15.76 17.49 12.96
CA TYR A 442 14.48 18.10 12.62
C TYR A 442 14.46 19.54 13.06
N ASP A 443 14.02 20.44 12.18
CA ASP A 443 13.81 21.83 12.55
C ASP A 443 12.54 22.31 11.88
N SER A 444 11.93 23.31 12.51
CA SER A 444 10.63 23.80 12.06
C SER A 444 10.52 25.28 12.37
N ALA A 445 9.93 26.02 11.45
CA ALA A 445 9.66 27.44 11.65
C ALA A 445 8.20 27.70 11.29
N THR A 446 7.60 28.63 12.02
CA THR A 446 6.22 29.06 11.80
C THR A 446 6.21 30.56 11.51
N ALA A 447 5.37 30.98 10.57
CA ALA A 447 5.20 32.40 10.32
C ALA A 447 4.36 33.00 11.45
N CYS A 448 4.94 33.94 12.18
CA CYS A 448 4.33 34.40 13.42
C CYS A 448 3.25 35.44 13.16
N GLY A 449 2.34 35.56 14.12
CA GLY A 449 1.36 36.63 14.12
C GLY A 449 0.00 36.25 13.61
N GLY A 450 -0.21 34.99 13.22
CA GLY A 450 -1.49 34.53 12.71
C GLY A 450 -2.39 34.01 13.82
N SER A 451 -3.46 33.33 13.40
CA SER A 451 -4.39 32.70 14.32
C SER A 451 -4.76 31.27 13.95
N GLY A 452 -4.67 30.89 12.67
CA GLY A 452 -5.08 29.55 12.29
C GLY A 452 -4.14 28.49 12.81
N ARG A 453 -4.68 27.26 12.90
CA ARG A 453 -3.94 26.10 13.35
C ARG A 453 -3.10 26.41 14.59
N GLY A 454 -1.87 25.92 14.63
CA GLY A 454 -0.98 26.15 15.75
C GLY A 454 -0.20 27.46 15.64
N ALA A 455 -0.92 28.58 15.67
CA ALA A 455 -0.31 29.88 15.44
C ALA A 455 0.61 30.28 16.59
N ILE A 456 1.53 31.19 16.27
CA ILE A 456 2.57 31.64 17.20
C ILE A 456 2.53 33.16 17.29
N THR A 457 2.66 33.68 18.51
CA THR A 457 2.79 35.12 18.68
C THR A 457 4.21 35.53 18.26
N CYS A 458 4.32 36.71 17.64
CA CYS A 458 5.64 37.18 17.22
C CYS A 458 6.49 37.52 18.44
N PRO A 459 7.73 37.04 18.52
CA PRO A 459 8.63 37.49 19.58
C PRO A 459 8.85 39.00 19.51
N THR A 460 9.31 39.57 20.61
CA THR A 460 9.48 41.02 20.63
C THR A 460 10.44 41.44 19.53
N GLY A 461 10.12 42.53 18.84
CA GLY A 461 10.96 43.07 17.80
C GLY A 461 10.89 42.36 16.47
N VAL A 462 10.12 41.28 16.37
CA VAL A 462 10.03 40.47 15.14
C VAL A 462 8.76 40.83 14.40
N ALA A 463 8.90 41.16 13.11
CA ALA A 463 7.75 41.63 12.34
C ALA A 463 6.79 40.48 12.01
N LYS A 464 5.51 40.82 11.92
CA LYS A 464 4.47 39.85 11.62
C LYS A 464 4.81 39.06 10.36
N GLY A 465 4.44 37.78 10.36
CA GLY A 465 4.73 36.90 9.25
C GLY A 465 6.17 36.40 9.15
N SER A 466 7.07 36.85 10.01
CA SER A 466 8.42 36.32 9.98
C SER A 466 8.42 34.86 10.37
N PRO A 467 9.23 34.02 9.72
CA PRO A 467 9.32 32.62 10.13
C PRO A 467 10.15 32.54 11.40
N VAL A 468 9.58 31.96 12.45
CA VAL A 468 10.26 31.87 13.74
C VAL A 468 10.54 30.40 14.01
N THR A 469 11.82 30.05 14.16
CA THR A 469 12.20 28.67 14.47
C THR A 469 11.66 28.27 15.83
N THR A 470 10.78 27.27 15.85
CA THR A 470 10.28 26.75 17.12
C THR A 470 10.89 25.41 17.52
N VAL A 471 11.36 24.61 16.58
CA VAL A 471 12.00 23.34 16.91
C VAL A 471 13.33 23.25 16.19
N ASP A 472 14.34 22.75 16.90
CA ASP A 472 15.65 22.53 16.28
C ASP A 472 16.37 21.49 17.15
N THR A 473 16.24 20.22 16.76
CA THR A 473 16.67 19.11 17.60
C THR A 473 17.26 17.98 16.76
N ALA A 474 18.10 17.19 17.41
CA ALA A 474 18.69 15.98 16.87
C ALA A 474 18.39 14.81 17.80
N LYS A 475 18.43 13.61 17.24
CA LYS A 475 18.20 12.39 18.01
C LYS A 475 18.99 11.24 17.38
N SER A 476 19.35 10.28 18.22
CA SER A 476 20.01 9.05 17.79
C SER A 476 19.39 7.87 18.51
N GLY A 477 19.48 6.69 17.90
CA GLY A 477 18.88 5.51 18.50
C GLY A 477 19.30 4.26 17.77
N ASN A 478 19.05 3.13 18.42
CA ASN A 478 19.34 1.82 17.87
C ASN A 478 18.08 0.98 17.86
N LEU A 479 17.89 0.21 16.79
CA LEU A 479 16.87 -0.83 16.73
C LEU A 479 17.56 -2.16 16.55
N MET A 480 17.11 -3.16 17.29
CA MET A 480 17.48 -4.55 17.03
C MET A 480 16.23 -5.33 16.63
N ASN A 481 16.33 -6.08 15.56
CA ASN A 481 15.28 -7.01 15.14
C ASN A 481 15.90 -8.39 14.95
N TRP A 482 15.21 -9.42 15.44
CA TRP A 482 15.67 -10.77 15.17
C TRP A 482 14.48 -11.71 15.02
N LYS A 483 14.74 -12.84 14.38
CA LYS A 483 13.73 -13.87 14.16
C LYS A 483 14.41 -15.23 14.10
N ALA A 484 13.65 -16.27 14.42
CA ALA A 484 14.12 -17.65 14.38
C ALA A 484 12.93 -18.52 14.01
N GLY A 485 13.17 -19.52 13.16
CA GLY A 485 12.13 -20.45 12.76
C GLY A 485 12.68 -21.84 12.53
N ALA A 486 11.75 -22.79 12.39
CA ALA A 486 12.06 -24.18 12.11
C ALA A 486 10.97 -24.74 11.21
N LEU A 487 11.35 -25.68 10.36
CA LEU A 487 10.43 -26.21 9.36
C LEU A 487 10.75 -27.69 9.18
N TYR A 488 9.69 -28.50 9.14
CA TYR A 488 9.82 -29.94 8.97
C TYR A 488 9.00 -30.38 7.77
N HIS A 489 9.63 -31.05 6.81
CA HIS A 489 8.91 -31.58 5.65
C HIS A 489 8.24 -32.88 6.09
N LEU A 490 6.92 -32.85 6.30
CA LEU A 490 6.19 -34.06 6.69
C LEU A 490 6.07 -35.02 5.52
N THR A 491 5.81 -34.50 4.33
CA THR A 491 5.76 -35.29 3.12
C THR A 491 6.48 -34.51 2.03
N GLU A 492 6.52 -35.11 0.84
CA GLU A 492 7.04 -34.41 -0.32
C GLU A 492 6.21 -33.18 -0.65
N ASN A 493 5.00 -33.08 -0.13
CA ASN A 493 4.10 -31.99 -0.49
C ASN A 493 3.76 -31.05 0.66
N GLY A 494 3.89 -31.49 1.90
CA GLY A 494 3.44 -30.70 3.04
C GLY A 494 4.52 -30.51 4.07
N ASN A 495 4.54 -29.33 4.67
CA ASN A 495 5.42 -29.05 5.78
C ASN A 495 4.64 -28.39 6.91
N VAL A 496 5.26 -28.36 8.07
CA VAL A 496 4.79 -27.60 9.22
C VAL A 496 5.95 -26.73 9.65
N TYR A 497 5.66 -25.54 10.17
CA TYR A 497 6.73 -24.62 10.56
C TYR A 497 6.30 -23.82 11.78
N ILE A 498 7.32 -23.28 12.45
CA ILE A 498 7.12 -22.32 13.53
C ILE A 498 8.06 -21.14 13.26
N ASN A 499 7.65 -19.97 13.73
CA ASN A 499 8.45 -18.76 13.54
C ASN A 499 8.27 -17.85 14.75
N TYR A 500 9.36 -17.24 15.18
CA TYR A 500 9.32 -16.31 16.30
C TYR A 500 10.12 -15.07 15.91
N ALA A 501 9.59 -13.88 16.20
CA ALA A 501 10.24 -12.64 15.83
C ALA A 501 10.12 -11.63 16.95
N VAL A 502 11.21 -10.89 17.16
CA VAL A 502 11.31 -9.87 18.20
C VAL A 502 11.67 -8.57 17.48
N SER A 503 10.77 -7.61 17.50
CA SER A 503 10.85 -6.40 16.71
C SER A 503 10.98 -5.19 17.61
N GLN A 504 11.48 -4.11 17.04
CA GLN A 504 11.37 -2.82 17.71
C GLN A 504 11.53 -1.71 16.69
N GLN A 505 10.75 -0.65 16.86
CA GLN A 505 10.75 0.53 16.00
C GLN A 505 11.08 1.75 16.84
N PRO A 506 11.37 2.89 16.21
CA PRO A 506 11.49 4.13 16.96
C PRO A 506 10.15 4.55 17.51
N PRO A 507 10.12 5.16 18.70
CA PRO A 507 8.86 5.62 19.31
C PRO A 507 8.06 6.54 18.38
N PRO A 530 11.29 3.03 22.71
CA PRO A 530 11.33 2.07 21.59
C PRO A 530 10.17 1.08 21.60
N GLN A 531 9.35 1.13 20.55
CA GLN A 531 8.24 0.20 20.41
C GLN A 531 8.76 -1.23 20.30
N LYS A 532 8.37 -2.09 21.24
CA LYS A 532 8.72 -3.50 21.20
C LYS A 532 7.55 -4.33 20.71
N ALA A 533 7.86 -5.41 19.97
CA ALA A 533 6.84 -6.33 19.49
C ALA A 533 7.41 -7.74 19.47
N ASN A 534 6.64 -8.68 20.01
CA ASN A 534 6.97 -10.10 19.96
C ASN A 534 5.89 -10.82 19.17
N THR A 535 6.29 -11.72 18.28
CA THR A 535 5.35 -12.48 17.48
C THR A 535 5.72 -13.95 17.50
N SER A 536 4.68 -14.78 17.63
CA SER A 536 4.79 -16.24 17.55
C SER A 536 3.88 -16.72 16.43
N GLU A 537 4.34 -17.73 15.70
CA GLU A 537 3.57 -18.22 14.55
C GLU A 537 3.83 -19.70 14.36
N ILE A 538 2.77 -20.44 14.07
CA ILE A 538 2.86 -21.85 13.66
C ILE A 538 1.97 -22.01 12.45
N GLY A 539 2.46 -22.75 11.46
CA GLY A 539 1.73 -22.87 10.21
C GLY A 539 2.08 -24.16 9.50
N THR A 540 1.39 -24.36 8.38
CA THR A 540 1.59 -25.52 7.53
C THR A 540 1.35 -25.08 6.10
N LYS A 541 2.18 -25.55 5.17
CA LYS A 541 2.11 -25.19 3.75
C LYS A 541 2.14 -26.47 2.91
N TRP A 542 1.26 -26.53 1.91
CA TRP A 542 1.06 -27.71 1.08
C TRP A 542 1.09 -27.32 -0.40
N GLN A 543 1.89 -28.03 -1.18
CA GLN A 543 1.93 -27.90 -2.63
C GLN A 543 1.34 -29.18 -3.20
N VAL A 544 0.13 -29.08 -3.76
CA VAL A 544 -0.62 -30.23 -4.24
C VAL A 544 -0.92 -30.07 -5.72
N LEU A 545 -1.65 -31.04 -6.28
CA LEU A 545 -2.06 -31.03 -7.69
C LEU A 545 -0.87 -30.76 -8.60
N ASP A 546 0.09 -31.69 -8.56
CA ASP A 546 1.33 -31.55 -9.32
C ASP A 546 2.15 -30.37 -8.84
N LYS A 547 1.92 -29.94 -7.60
CA LYS A 547 2.65 -28.83 -6.97
C LYS A 547 2.39 -27.50 -7.67
N ARG A 548 1.30 -27.39 -8.41
CA ARG A 548 0.90 -26.14 -9.05
C ARG A 548 -0.04 -25.31 -8.19
N LEU A 549 -0.45 -25.84 -7.03
CA LEU A 549 -1.41 -25.19 -6.15
C LEU A 549 -0.82 -25.16 -4.75
N LEU A 550 -0.77 -23.97 -4.14
CA LEU A 550 -0.21 -23.77 -2.82
C LEU A 550 -1.34 -23.50 -1.83
N LEU A 551 -1.36 -24.27 -0.75
CA LEU A 551 -2.32 -24.11 0.33
C LEU A 551 -1.54 -23.87 1.62
N THR A 552 -1.93 -22.84 2.37
CA THR A 552 -1.29 -22.51 3.64
C THR A 552 -2.32 -22.29 4.73
N ALA A 553 -1.91 -22.54 5.96
CA ALA A 553 -2.69 -22.20 7.14
C ALA A 553 -1.70 -21.84 8.23
N ALA A 554 -2.03 -20.81 9.02
CA ALA A 554 -1.16 -20.32 10.07
C ALA A 554 -1.98 -19.78 11.22
N LEU A 555 -1.49 -20.02 12.44
CA LEU A 555 -1.92 -19.31 13.63
C LEU A 555 -0.82 -18.35 14.05
N PHE A 556 -1.21 -17.17 14.52
CA PHE A 556 -0.26 -16.13 14.89
C PHE A 556 -0.71 -15.40 16.13
N ARG A 557 0.26 -14.86 16.86
CA ARG A 557 0.02 -13.99 18.00
C ARG A 557 1.12 -12.95 18.08
N THR A 558 0.72 -11.67 18.09
CA THR A 558 1.65 -10.54 18.16
C THR A 558 1.32 -9.65 19.36
N ASP A 559 2.33 -9.33 20.15
CA ASP A 559 2.22 -8.48 21.32
C ASP A 559 3.08 -7.24 21.14
N ILE A 560 2.46 -6.07 21.17
CA ILE A 560 3.13 -4.78 21.00
C ILE A 560 3.11 -4.01 22.31
N GLU A 561 4.27 -3.49 22.72
CA GLU A 561 4.41 -2.69 23.93
C GLU A 561 4.96 -1.31 23.60
N ASN A 562 4.37 -0.27 24.22
CA ASN A 562 4.81 1.11 24.06
C ASN A 562 4.40 1.67 22.69
N GLU A 563 3.20 1.33 22.26
CA GLU A 563 2.70 1.78 20.96
C GLU A 563 2.50 3.29 20.97
N TYR A 575 0.68 5.06 25.52
CA TYR A 575 -0.15 3.93 25.08
C TYR A 575 0.47 2.60 25.53
N GLY A 576 -0.37 1.72 26.07
CA GLY A 576 0.09 0.48 26.66
C GLY A 576 0.27 -0.65 25.67
N LYS A 577 0.02 -1.88 26.14
CA LYS A 577 0.31 -3.07 25.38
C LYS A 577 -0.92 -3.52 24.58
N LYS A 578 -0.69 -3.86 23.31
CA LYS A 578 -1.73 -4.42 22.46
C LYS A 578 -1.42 -5.87 22.14
N ARG A 579 -2.46 -6.61 21.77
CA ARG A 579 -2.31 -7.96 21.29
C ARG A 579 -3.24 -8.20 20.12
N VAL A 580 -2.70 -8.81 19.06
CA VAL A 580 -3.49 -9.26 17.94
C VAL A 580 -3.11 -10.71 17.66
N GLU A 581 -4.10 -11.59 17.66
CA GLU A 581 -3.89 -12.98 17.34
C GLU A 581 -4.96 -13.42 16.35
N GLY A 582 -4.67 -14.50 15.65
CA GLY A 582 -5.71 -15.05 14.79
C GLY A 582 -5.20 -16.16 13.92
N TYR A 583 -5.89 -16.33 12.80
CA TYR A 583 -5.83 -17.50 11.96
C TYR A 583 -5.88 -17.04 10.50
N GLU A 584 -5.07 -17.67 9.66
CA GLU A 584 -4.95 -17.29 8.25
C GLU A 584 -4.91 -18.54 7.38
N ILE A 585 -5.70 -18.53 6.33
CA ILE A 585 -5.68 -19.58 5.32
C ILE A 585 -5.52 -18.90 3.98
N SER A 586 -4.83 -19.58 3.06
CA SER A 586 -4.66 -19.00 1.74
C SER A 586 -4.54 -20.11 0.72
N VAL A 587 -4.82 -19.76 -0.53
CA VAL A 587 -4.74 -20.67 -1.66
C VAL A 587 -4.32 -19.83 -2.86
N ALA A 588 -3.46 -20.41 -3.69
CA ALA A 588 -2.99 -19.73 -4.90
C ALA A 588 -2.49 -20.79 -5.86
N GLY A 589 -2.84 -20.64 -7.12
CA GLY A 589 -2.27 -21.46 -8.17
C GLY A 589 -3.28 -22.09 -9.10
N ASN A 590 -2.95 -23.26 -9.61
CA ASN A 590 -3.77 -23.95 -10.61
C ASN A 590 -4.39 -25.18 -9.97
N ILE A 591 -5.72 -25.24 -10.00
CA ILE A 591 -6.43 -26.46 -9.65
C ILE A 591 -6.38 -27.44 -10.83
N THR A 592 -6.56 -26.94 -12.05
CA THR A 592 -6.34 -27.72 -13.25
C THR A 592 -5.62 -26.81 -14.25
N PRO A 593 -5.17 -27.33 -15.39
CA PRO A 593 -4.55 -26.43 -16.39
C PRO A 593 -5.44 -25.27 -16.81
N ALA A 594 -6.77 -25.44 -16.77
CA ALA A 594 -7.69 -24.39 -17.17
C ALA A 594 -8.14 -23.49 -16.03
N TRP A 595 -7.88 -23.87 -14.77
CA TRP A 595 -8.55 -23.31 -13.61
C TRP A 595 -7.52 -22.70 -12.66
N GLN A 596 -7.52 -21.38 -12.55
CA GLN A 596 -6.63 -20.66 -11.64
C GLN A 596 -7.42 -20.00 -10.52
N VAL A 597 -6.89 -20.06 -9.29
CA VAL A 597 -7.51 -19.40 -8.15
C VAL A 597 -6.47 -18.66 -7.31
N ILE A 598 -6.96 -17.66 -6.57
CA ILE A 598 -6.16 -17.06 -5.50
C ILE A 598 -7.11 -16.43 -4.48
N GLY A 599 -6.82 -16.66 -3.21
CA GLY A 599 -7.59 -16.01 -2.16
C GLY A 599 -7.20 -16.53 -0.81
N GLY A 600 -7.96 -16.10 0.20
CA GLY A 600 -7.63 -16.45 1.56
C GLY A 600 -8.74 -16.05 2.51
N TYR A 601 -8.56 -16.44 3.77
CA TYR A 601 -9.48 -16.14 4.84
C TYR A 601 -8.67 -15.79 6.08
N THR A 602 -9.13 -14.76 6.80
CA THR A 602 -8.50 -14.33 8.04
C THR A 602 -9.55 -14.16 9.14
N GLN A 603 -9.22 -14.68 10.32
CA GLN A 603 -10.00 -14.48 11.53
C GLN A 603 -9.05 -13.98 12.60
N GLN A 604 -9.36 -12.83 13.22
CA GLN A 604 -8.43 -12.22 14.14
C GLN A 604 -9.17 -11.40 15.18
N LYS A 605 -8.49 -11.17 16.31
CA LYS A 605 -9.00 -10.40 17.41
C LYS A 605 -7.86 -9.56 17.97
N ALA A 606 -8.09 -8.25 18.11
CA ALA A 606 -7.05 -7.27 18.45
C ALA A 606 -7.35 -6.67 19.83
N THR A 607 -6.90 -7.34 20.88
CA THR A 607 -7.10 -6.84 22.23
C THR A 607 -6.31 -5.55 22.48
N ILE A 608 -6.95 -4.61 23.17
CA ILE A 608 -6.34 -3.34 23.54
C ILE A 608 -6.10 -3.35 25.05
N LYS A 609 -5.12 -2.58 25.49
CA LYS A 609 -4.80 -2.50 26.91
C LYS A 609 -3.68 -1.51 27.20
N PRO A 623 -9.64 -1.44 16.13
CA PRO A 623 -9.86 -0.23 15.35
C PRO A 623 -9.35 -0.35 13.92
N TYR A 624 -10.27 -0.24 12.96
CA TYR A 624 -9.96 -0.43 11.54
C TYR A 624 -9.50 -1.85 11.26
N THR A 625 -9.88 -2.79 12.13
CA THR A 625 -9.50 -4.20 12.02
C THR A 625 -10.75 -5.04 11.94
N PRO A 626 -11.14 -5.52 10.76
CA PRO A 626 -12.19 -6.53 10.70
C PRO A 626 -11.72 -7.80 11.41
N GLU A 627 -12.61 -8.40 12.18
CA GLU A 627 -12.28 -9.69 12.79
C GLU A 627 -12.47 -10.86 11.83
N HIS A 628 -13.22 -10.67 10.74
CA HIS A 628 -13.36 -11.69 9.69
C HIS A 628 -13.15 -11.03 8.34
N ALA A 629 -12.44 -11.73 7.46
CA ALA A 629 -12.22 -11.23 6.11
C ALA A 629 -11.94 -12.40 5.19
N PHE A 630 -12.45 -12.29 3.96
CA PHE A 630 -12.40 -13.38 3.00
C PHE A 630 -12.24 -12.76 1.63
N THR A 631 -11.44 -13.42 0.78
CA THR A 631 -11.39 -13.05 -0.62
C THR A 631 -11.09 -14.30 -1.44
N LEU A 632 -11.67 -14.37 -2.63
CA LEU A 632 -11.40 -15.48 -3.52
C LEU A 632 -11.66 -15.01 -4.94
N TRP A 633 -10.69 -15.26 -5.80
CA TRP A 633 -10.79 -14.99 -7.22
C TRP A 633 -10.53 -16.29 -7.97
N SER A 634 -11.38 -16.61 -8.93
CA SER A 634 -11.34 -17.88 -9.65
C SER A 634 -11.47 -17.59 -11.14
N GLN A 635 -10.53 -18.09 -11.95
CA GLN A 635 -10.57 -17.87 -13.40
C GLN A 635 -10.44 -19.19 -14.14
N TYR A 636 -11.28 -19.36 -15.16
CA TYR A 636 -11.35 -20.61 -15.89
C TYR A 636 -11.29 -20.31 -17.39
N GLN A 637 -10.37 -21.02 -18.07
CA GLN A 637 -10.25 -20.96 -19.53
C GLN A 637 -11.31 -21.88 -20.13
N ALA A 638 -12.50 -21.34 -20.40
CA ALA A 638 -13.63 -22.17 -20.80
C ALA A 638 -13.41 -22.80 -22.18
N THR A 639 -12.95 -22.03 -23.15
CA THR A 639 -12.53 -22.57 -24.44
C THR A 639 -11.14 -22.02 -24.78
N ASP A 640 -10.66 -22.37 -25.98
CA ASP A 640 -9.43 -21.76 -26.47
C ASP A 640 -9.53 -20.24 -26.52
N ASP A 641 -10.72 -19.71 -26.80
CA ASP A 641 -10.90 -18.27 -26.97
C ASP A 641 -11.61 -17.57 -25.80
N ILE A 642 -12.28 -18.31 -24.92
CA ILE A 642 -13.13 -17.71 -23.91
C ILE A 642 -12.61 -18.08 -22.52
N SER A 643 -12.43 -17.06 -21.68
CA SER A 643 -12.16 -17.28 -20.27
C SER A 643 -13.16 -16.46 -19.45
N VAL A 644 -13.44 -16.94 -18.25
CA VAL A 644 -14.40 -16.32 -17.35
C VAL A 644 -13.79 -16.29 -15.96
N GLY A 645 -13.99 -15.18 -15.27
CA GLY A 645 -13.47 -15.04 -13.92
C GLY A 645 -14.53 -14.43 -13.04
N ALA A 646 -14.42 -14.69 -11.76
CA ALA A 646 -15.30 -14.06 -10.78
C ALA A 646 -14.55 -14.01 -9.46
N GLY A 647 -14.85 -12.96 -8.68
CA GLY A 647 -14.27 -12.82 -7.36
C GLY A 647 -15.33 -12.37 -6.38
N ALA A 648 -15.07 -12.67 -5.11
CA ALA A 648 -15.92 -12.21 -4.02
C ALA A 648 -15.03 -11.93 -2.82
N ARG A 649 -15.28 -10.81 -2.14
CA ARG A 649 -14.54 -10.52 -0.91
C ARG A 649 -15.51 -10.05 0.14
N TYR A 650 -15.28 -10.50 1.38
CA TYR A 650 -16.03 -10.06 2.55
C TYR A 650 -15.11 -9.26 3.46
N ILE A 651 -15.56 -8.07 3.84
CA ILE A 651 -14.89 -7.24 4.85
C ILE A 651 -15.79 -7.18 6.08
N GLY A 652 -15.29 -7.65 7.21
CA GLY A 652 -16.08 -7.69 8.42
C GLY A 652 -16.40 -6.30 8.95
N SER A 653 -17.34 -6.26 9.88
CA SER A 653 -17.63 -5.00 10.55
C SER A 653 -16.40 -4.53 11.32
N MET A 654 -16.28 -3.21 11.45
CA MET A 654 -15.17 -2.63 12.18
C MET A 654 -15.70 -1.65 13.23
N HIS A 655 -14.90 -1.43 14.25
CA HIS A 655 -15.30 -0.59 15.38
C HIS A 655 -14.25 0.47 15.63
N LYS A 656 -14.70 1.63 16.10
CA LYS A 656 -13.83 2.77 16.39
C LYS A 656 -13.90 3.00 17.90
N GLY A 657 -12.92 2.47 18.64
CA GLY A 657 -12.95 2.58 20.08
C GLY A 657 -12.69 4.00 20.57
N SER A 658 -11.84 4.74 19.86
CA SER A 658 -11.41 6.05 20.33
C SER A 658 -11.51 7.07 19.21
N ASP A 659 -11.46 8.34 19.61
CA ASP A 659 -11.27 9.46 18.69
C ASP A 659 -12.55 9.87 17.97
N GLY A 660 -13.56 9.00 17.94
CA GLY A 660 -14.81 9.34 17.30
C GLY A 660 -15.57 10.39 18.10
N ALA A 661 -16.07 11.41 17.40
CA ALA A 661 -16.77 12.52 18.06
C ALA A 661 -18.16 12.08 18.51
N VAL A 662 -18.81 12.96 19.29
CA VAL A 662 -20.11 12.67 19.89
C VAL A 662 -21.14 12.38 18.81
N GLY A 663 -21.83 11.25 18.94
CA GLY A 663 -22.88 10.88 18.01
C GLY A 663 -22.43 10.23 16.71
N THR A 664 -21.13 10.22 16.40
CA THR A 664 -20.68 9.61 15.16
C THR A 664 -20.67 8.08 15.28
N PRO A 665 -20.76 7.38 14.15
CA PRO A 665 -20.93 5.91 14.22
C PRO A 665 -19.73 5.26 14.91
N ALA A 666 -20.03 4.44 15.91
CA ALA A 666 -18.99 3.71 16.62
C ALA A 666 -18.59 2.44 15.89
N PHE A 667 -19.14 2.17 14.70
CA PHE A 667 -18.89 0.93 13.98
C PHE A 667 -19.28 1.11 12.53
N THR A 668 -18.68 0.28 11.67
CA THR A 668 -19.14 0.11 10.30
C THR A 668 -19.56 -1.33 10.07
N GLU A 669 -20.53 -1.53 9.19
CA GLU A 669 -21.07 -2.85 8.93
C GLU A 669 -20.22 -3.61 7.91
N GLY A 670 -20.12 -4.93 8.10
CA GLY A 670 -19.47 -5.75 7.09
C GLY A 670 -20.23 -5.73 5.78
N TYR A 671 -19.54 -6.11 4.71
CA TYR A 671 -20.16 -6.13 3.40
C TYR A 671 -19.44 -7.12 2.50
N TRP A 672 -20.15 -7.52 1.45
CA TRP A 672 -19.63 -8.34 0.36
C TRP A 672 -19.47 -7.47 -0.88
N VAL A 673 -18.44 -7.74 -1.67
CA VAL A 673 -18.32 -7.15 -3.00
C VAL A 673 -17.97 -8.27 -3.97
N ALA A 674 -18.64 -8.30 -5.12
CA ALA A 674 -18.38 -9.30 -6.14
C ALA A 674 -17.89 -8.61 -7.42
N ASP A 675 -16.99 -9.30 -8.12
CA ASP A 675 -16.42 -8.82 -9.37
C ASP A 675 -16.48 -9.93 -10.40
N ALA A 676 -16.53 -9.58 -11.69
CA ALA A 676 -16.63 -10.59 -12.73
C ALA A 676 -15.78 -10.18 -13.92
N LYS A 677 -15.47 -11.17 -14.76
CA LYS A 677 -14.56 -10.97 -15.88
C LYS A 677 -14.90 -11.92 -17.03
N LEU A 678 -14.87 -11.39 -18.24
CA LEU A 678 -15.01 -12.19 -19.46
C LEU A 678 -13.86 -11.82 -20.39
N GLY A 679 -13.17 -12.83 -20.89
CA GLY A 679 -12.05 -12.62 -21.81
C GLY A 679 -12.32 -13.33 -23.13
N TYR A 680 -12.01 -12.65 -24.23
CA TYR A 680 -12.21 -13.21 -25.55
C TYR A 680 -10.96 -12.99 -26.40
N ARG A 681 -10.36 -14.09 -26.85
CA ARG A 681 -9.16 -14.07 -27.68
C ARG A 681 -9.56 -14.09 -29.15
N VAL A 682 -9.10 -13.08 -29.90
CA VAL A 682 -9.36 -13.05 -31.33
C VAL A 682 -8.31 -13.86 -32.07
N ASN A 683 -7.05 -13.62 -31.74
CA ASN A 683 -5.94 -14.43 -32.23
C ASN A 683 -4.78 -14.19 -31.27
N ARG A 684 -3.60 -14.69 -31.62
CA ARG A 684 -2.45 -14.52 -30.75
C ARG A 684 -2.05 -13.05 -30.57
N ASN A 685 -2.46 -12.18 -31.48
CA ASN A 685 -2.06 -10.77 -31.38
C ASN A 685 -3.08 -9.89 -30.68
N LEU A 686 -4.32 -10.35 -30.48
CA LEU A 686 -5.41 -9.49 -30.03
C LEU A 686 -6.37 -10.27 -29.14
N ASP A 687 -6.66 -9.73 -27.96
CA ASP A 687 -7.73 -10.29 -27.13
C ASP A 687 -8.41 -9.14 -26.40
N PHE A 688 -9.66 -9.35 -26.01
CA PHE A 688 -10.45 -8.35 -25.31
C PHE A 688 -10.78 -8.87 -23.92
N GLN A 689 -10.96 -7.93 -23.00
CA GLN A 689 -11.30 -8.28 -21.63
C GLN A 689 -12.34 -7.28 -21.14
N LEU A 690 -13.38 -7.80 -20.51
CA LEU A 690 -14.40 -6.99 -19.85
C LEU A 690 -14.35 -7.33 -18.37
N ASN A 691 -14.13 -6.33 -17.52
CA ASN A 691 -14.21 -6.51 -16.08
C ASN A 691 -15.42 -5.74 -15.57
N VAL A 692 -16.16 -6.35 -14.65
CA VAL A 692 -17.26 -5.69 -13.97
C VAL A 692 -16.93 -5.70 -12.48
N TYR A 693 -17.01 -4.52 -11.84
CA TYR A 693 -16.67 -4.39 -10.44
C TYR A 693 -17.91 -4.05 -9.65
N ASN A 694 -18.03 -4.62 -8.45
CA ASN A 694 -19.23 -4.47 -7.62
C ASN A 694 -20.47 -4.86 -8.46
N LEU A 695 -20.45 -6.13 -8.87
CA LEU A 695 -21.44 -6.68 -9.79
C LEU A 695 -22.87 -6.47 -9.30
N PHE A 696 -23.11 -6.56 -8.00
CA PHE A 696 -24.45 -6.38 -7.47
C PHE A 696 -24.77 -4.94 -7.11
N ASP A 697 -23.86 -4.00 -7.39
CA ASP A 697 -24.12 -2.59 -7.13
C ASP A 697 -24.46 -2.38 -5.64
N THR A 698 -23.68 -3.02 -4.79
CA THR A 698 -23.92 -2.99 -3.35
C THR A 698 -23.52 -1.64 -2.77
N ASP A 699 -24.34 -1.16 -1.83
CA ASP A 699 -24.07 0.08 -1.09
C ASP A 699 -23.37 -0.25 0.23
N TYR A 700 -22.24 0.40 0.49
CA TYR A 700 -21.53 0.08 1.72
C TYR A 700 -20.58 1.23 2.06
N VAL A 701 -20.03 1.17 3.27
CA VAL A 701 -19.06 2.14 3.76
C VAL A 701 -17.67 1.57 3.48
N ALA A 702 -16.94 2.20 2.55
CA ALA A 702 -15.58 1.76 2.22
C ALA A 702 -14.57 2.21 3.27
N SER A 703 -14.74 3.40 3.84
CA SER A 703 -13.95 3.82 4.98
C SER A 703 -14.61 5.03 5.62
N ILE A 704 -14.17 5.34 6.83
CA ILE A 704 -14.70 6.43 7.63
C ILE A 704 -13.51 7.05 8.38
N ASN A 705 -13.49 8.38 8.46
CA ASN A 705 -12.34 9.03 9.10
C ASN A 705 -12.40 8.83 10.60
N LYS A 706 -11.36 9.30 11.28
CA LYS A 706 -11.21 9.03 12.70
C LYS A 706 -12.23 9.81 13.53
N SER A 707 -12.50 11.06 13.14
CA SER A 707 -13.49 11.87 13.84
C SER A 707 -14.86 11.22 13.77
N GLY A 708 -15.16 10.53 12.67
CA GLY A 708 -16.45 9.91 12.43
C GLY A 708 -17.46 10.78 11.69
N TYR A 709 -17.08 12.00 11.30
CA TYR A 709 -17.99 12.92 10.62
C TYR A 709 -18.14 12.64 9.14
N ARG A 710 -17.18 11.95 8.52
CA ARG A 710 -17.18 11.82 7.06
C ARG A 710 -16.71 10.43 6.68
N TYR A 711 -17.23 9.94 5.57
CA TYR A 711 -16.90 8.60 5.12
C TYR A 711 -16.82 8.58 3.60
N HIS A 712 -16.25 7.49 3.07
CA HIS A 712 -16.23 7.26 1.65
C HIS A 712 -17.17 6.12 1.33
N PRO A 713 -18.18 6.33 0.49
CA PRO A 713 -19.07 5.24 0.10
C PRO A 713 -18.38 4.30 -0.89
N GLY A 714 -18.69 3.02 -0.78
CA GLY A 714 -18.18 2.07 -1.75
C GLY A 714 -18.59 2.47 -3.16
N GLU A 715 -17.65 2.36 -4.09
CA GLU A 715 -17.94 2.65 -5.48
C GLU A 715 -19.12 1.81 -5.98
N PRO A 716 -19.98 2.37 -6.84
CA PRO A 716 -21.06 1.56 -7.44
C PRO A 716 -20.53 0.61 -8.49
N ARG A 717 -21.42 -0.16 -9.11
CA ARG A 717 -21.01 -1.02 -10.20
C ARG A 717 -20.31 -0.23 -11.30
N THR A 718 -19.17 -0.74 -11.76
CA THR A 718 -18.46 -0.11 -12.88
C THR A 718 -18.00 -1.20 -13.83
N PHE A 719 -17.65 -0.76 -15.04
CA PHE A 719 -17.21 -1.63 -16.11
C PHE A 719 -15.86 -1.15 -16.62
N LEU A 720 -15.04 -2.09 -17.07
CA LEU A 720 -13.78 -1.78 -17.74
C LEU A 720 -13.64 -2.68 -18.96
N LEU A 721 -13.50 -2.08 -20.13
CA LEU A 721 -13.33 -2.83 -21.37
C LEU A 721 -11.94 -2.53 -21.92
N THR A 722 -11.16 -3.58 -22.18
CA THR A 722 -9.76 -3.48 -22.55
C THR A 722 -9.49 -4.25 -23.84
N ALA A 723 -8.72 -3.64 -24.72
CA ALA A 723 -8.10 -4.34 -25.85
C ALA A 723 -6.64 -4.60 -25.53
N ASN A 724 -6.24 -5.87 -25.53
CA ASN A 724 -4.85 -6.25 -25.32
C ASN A 724 -4.23 -6.67 -26.65
N MET A 725 -3.11 -6.05 -27.01
CA MET A 725 -2.37 -6.41 -28.21
C MET A 725 -1.01 -6.95 -27.81
N HIS A 726 -0.56 -7.99 -28.54
CA HIS A 726 0.71 -8.64 -28.30
C HIS A 726 1.41 -8.81 -29.65
N PHE A 727 2.67 -8.41 -29.73
CA PHE A 727 3.42 -8.51 -30.96
C PHE A 727 4.82 -9.02 -30.71
C1 BOG B . -28.50 -6.56 -9.75
O1 BOG B . -27.22 -7.06 -10.03
C2 BOG B . -28.61 -6.53 -8.23
O2 BOG B . -28.75 -7.82 -7.73
C3 BOG B . -29.97 -5.81 -7.95
O3 BOG B . -30.10 -5.58 -6.60
C4 BOG B . -29.96 -4.42 -8.66
O4 BOG B . -31.17 -3.78 -8.53
C5 BOG B . -29.75 -4.66 -10.18
O5 BOG B . -28.49 -5.25 -10.29
C6 BOG B . -29.75 -3.33 -11.00
O6 BOG B . -28.61 -2.62 -10.61
C1' BOG B . -27.22 -8.40 -10.46
C2' BOG B . -26.64 -8.39 -11.83
C3' BOG B . -26.84 -9.80 -12.37
C4' BOG B . -25.96 -10.03 -13.58
C5' BOG B . -25.20 -11.34 -13.44
C6' BOG B . -24.52 -11.69 -14.76
C7' BOG B . -23.06 -12.08 -14.53
C8' BOG B . -22.45 -12.71 -15.76
H1 BOG B . -29.19 -7.13 -10.13
H2 BOG B . -27.86 -6.06 -7.83
HO2 BOG B . -29.30 -8.22 -8.24
H3 BOG B . -30.71 -6.36 -8.29
HO3 BOG B . -29.51 -4.99 -6.40
H4 BOG B . -29.22 -3.89 -8.30
HO4 BOG B . -31.05 -2.97 -8.72
H5 BOG B . -30.44 -5.25 -10.53
H61 BOG B . -29.73 -3.55 -11.94
H62 BOG B . -30.56 -2.82 -10.85
HO6 BOG B . -28.43 -2.08 -11.25
H1'1 BOG B . -28.13 -8.76 -10.47
H1'2 BOG B . -26.70 -8.97 -9.87
H2'1 BOG B . -25.70 -8.14 -11.81
H2'2 BOG B . -27.05 -7.72 -12.40
H3'1 BOG B . -27.77 -9.94 -12.58
H3'2 BOG B . -26.65 -10.45 -11.68
H4'1 BOG B . -25.35 -9.29 -13.71
H4'2 BOG B . -26.51 -10.04 -14.39
H5'1 BOG B . -25.80 -12.04 -13.16
H5'2 BOG B . -24.55 -11.28 -12.73
H6'1 BOG B . -24.57 -10.94 -15.38
H6'2 BOG B . -25.00 -12.40 -15.21
H7'1 BOG B . -22.55 -11.30 -14.25
H7'2 BOG B . -23.00 -12.68 -13.77
H8'1 BOG B . -21.53 -12.97 -15.62
H8'2 BOG B . -22.45 -12.10 -16.53
H8'3 BOG B . -22.93 -13.50 -16.04
CL CL C . 11.23 -10.24 11.13
CL CL D . -2.59 2.63 -4.59
C TRS E . -10.98 -9.91 -5.41
C1 TRS E . -11.34 -8.69 -4.55
C2 TRS E . -10.78 -9.62 -6.89
C3 TRS E . -12.06 -10.95 -5.20
N TRS E . -9.72 -10.43 -4.90
O1 TRS E . -11.43 -7.45 -5.21
O2 TRS E . -12.02 -9.36 -7.50
O3 TRS E . -11.75 -12.15 -5.85
H11 TRS E . -10.59 -8.61 -3.75
H12 TRS E . -12.29 -8.90 -4.07
H21 TRS E . -10.31 -10.48 -7.38
H22 TRS E . -10.12 -8.77 -7.02
H31 TRS E . -12.18 -11.14 -4.13
H32 TRS E . -13.01 -10.56 -5.56
HN1 TRS E . -8.93 -9.80 -5.01
HN2 TRS E . -9.78 -10.85 -3.98
HN3 TRS E . -9.50 -11.21 -5.51
HO1 TRS E . -11.23 -7.57 -6.16
HO2 TRS E . -11.88 -9.18 -8.46
HO3 TRS E . -10.89 -12.05 -6.32
OH POG F . 21.95 9.43 -6.47
C2 POG F . 23.25 9.19 -6.93
C1 POG F . 24.00 10.51 -7.18
C3 POG F . 23.18 8.37 -8.22
O2 POG F . 22.10 7.49 -8.18
C5 POG F . 22.23 6.37 -9.01
O1 POG F . 13.17 1.37 -25.17
C4 POG F . 14.47 1.75 -24.83
C6 POG F . 14.57 2.34 -23.43
O3 POG F . 15.92 2.28 -23.02
C7 POG F . 16.12 2.82 -21.75
C8 POG F . 17.58 3.19 -21.47
O4 POG F . 17.53 4.31 -20.63
C9 POG F . 18.56 4.45 -19.70
C10 POG F . 17.99 4.36 -18.29
O5 POG F . 18.99 4.73 -17.38
C11 POG F . 18.65 4.69 -16.03
C12 POG F . 19.27 5.89 -15.29
O6 POG F . 20.27 5.42 -14.42
C13 POG F . 20.44 6.03 -13.16
C14 POG F . 21.91 5.94 -12.72
O7 POG F . 21.96 5.73 -11.32
C15 POG F . 22.29 6.81 -10.48
C16 POG F . 21.04 5.45 -8.78
C17 POG F . 22.63 7.21 -13.16
C18 POG F . 18.11 6.62 -14.61
C19 POG F . 17.54 2.92 -18.02
C20 POG F . 18.36 3.56 -22.73
C21 POG F . 13.68 1.55 -22.47
HOH POG F . 21.93 10.16 -6.04
H2 POG F . 23.72 8.68 -6.26
H11 POG F . 24.91 10.31 -7.44
H12A POG F . 24.00 11.03 -6.37
H13 POG F . 23.55 10.99 -7.89
H31 POG F . 23.09 8.97 -8.98
H32 POG F . 24.01 7.87 -8.31
H5 POG F . 23.05 5.90 -8.79
HO1 POG F . 12.62 1.97 -24.91
H41 POG F . 14.78 2.40 -25.48
H42 POG F . 15.04 0.97 -24.89
H6 POG F . 14.29 3.26 -23.46
H71 POG F . 15.84 2.16 -21.09
H72 POG F . 15.58 3.61 -21.66
H8 POG F . 18.02 2.46 -21.01
H91 POG F . 18.98 5.31 -19.81
H92 POG F . 19.21 3.74 -19.83
H10 POG F . 17.23 4.96 -18.20
H111 POG F . 19.00 3.86 -15.64
H112 POG F . 17.69 4.71 -15.94
H12 POG F . 19.68 6.48 -15.94
H131 POG F . 19.88 5.59 -12.50
H132 POG F . 20.19 6.97 -13.23
H14 POG F . 22.31 5.18 -13.16
H151 POG F . 21.66 7.53 -10.62
H152 POG F . 23.19 7.11 -10.69
H161 POG F . 21.15 4.64 -9.29
H162 POG F . 20.23 5.91 -9.05
H163 POG F . 20.98 5.23 -7.84
H171 POG F . 23.54 7.20 -12.83
H172 POG F . 22.17 7.99 -12.80
H173 POG F . 22.63 7.27 -14.13
H181 POG F . 18.44 7.45 -14.22
H182 POG F . 17.75 6.07 -13.90
H183 POG F . 17.42 6.82 -15.26
H191 POG F . 17.05 2.89 -17.18
H192 POG F . 18.31 2.35 -17.97
H193 POG F . 16.96 2.63 -18.74
H201 POG F . 19.26 3.81 -22.49
H202 POG F . 17.92 4.29 -23.17
H203 POG F . 18.39 2.79 -23.32
H211 POG F . 13.19 2.17 -21.91
H212 POG F . 14.23 0.98 -21.92
H213 POG F . 13.06 1.01 -22.98
OH POG G . -6.37 20.20 -21.09
C2 POG G . -6.87 19.03 -20.50
C1 POG G . -7.17 19.26 -19.02
C3 POG G . -5.82 17.94 -20.67
O2 POG G . -4.95 17.90 -19.57
C5 POG G . -3.61 18.12 -19.87
O1 POG G . 13.64 13.33 -20.06
C4 POG G . 13.75 11.94 -20.23
C6 POG G . 12.48 11.43 -20.94
O3 POG G . 11.37 12.09 -20.42
C7 POG G . 10.34 12.27 -21.34
C8 POG G . 9.01 12.28 -20.59
O4 POG G . 8.06 12.95 -21.38
C9 POG G . 6.73 12.71 -21.03
C10 POG G . 6.05 14.02 -20.65
O5 POG G . 4.81 14.10 -21.30
C11 POG G . 3.90 15.03 -20.81
C12 POG G . 2.48 14.62 -21.23
O6 POG G . 1.54 15.36 -20.53
C13 POG G . 0.41 15.78 -21.26
C14 POG G . -0.58 16.38 -20.27
O7 POG G . -1.70 16.97 -20.87
C15 POG G . -2.91 16.80 -20.17
C16 POG G . -3.06 18.78 -18.62
C17 POG G . 0.17 17.44 -19.46
C18 POG G . 2.29 13.13 -20.94
C19 POG G . 6.93 15.21 -21.06
C20 POG G . 9.17 13.00 -19.24
C21 POG G . 12.32 9.93 -20.73
HOH POG G . -6.72 20.87 -20.70
H2 POG G . -7.69 18.76 -20.95
H11 POG G . -7.93 19.85 -18.92
H12A POG G . -6.40 19.66 -18.59
H13 POG G . -7.36 18.40 -18.59
H31 POG G . -6.25 17.08 -20.77
H32 POG G . -5.30 18.13 -21.46
H5 POG G . -3.53 18.72 -20.63
HO1 POG G . 12.83 13.56 -20.16
H41 POG G . 14.53 11.73 -20.76
H42 POG G . 13.82 11.52 -19.35
H6 POG G . 12.55 11.63 -21.88
H71 POG G . 10.35 11.54 -21.98
H72 POG G . 10.46 13.11 -21.80
H8 POG G . 8.72 11.37 -20.44
H91 POG G . 6.70 12.10 -20.28
H92 POG G . 6.26 12.31 -21.78
H10 POG G . 5.91 14.05 -19.69
H111 POG G . 4.10 15.91 -21.16
H112 POG G . 3.95 15.06 -19.84
H12 POG G . 2.38 14.78 -22.18
H131 POG G . 0.01 15.02 -21.71
H132 POG G . 0.67 16.44 -21.91
H14 POG G . -0.88 15.69 -19.66
H151 POG G . -2.73 16.34 -19.33
H152 POG G . -3.51 16.24 -20.70
H161 POG G . -2.10 18.89 -18.70
H162 POG G . -3.25 18.23 -17.84
H163 POG G . -3.48 19.65 -18.50
H171 POG G . -0.40 17.77 -18.75
H172 POG G . 0.42 18.18 -20.05
H173 POG G . 0.98 17.06 -19.08
H181 POG G . 1.34 12.94 -20.86
H182 POG G . 2.74 12.90 -20.10
H183 POG G . 2.67 12.60 -21.65
H191 POG G . 6.47 16.03 -20.87
H192 POG G . 7.76 15.18 -20.56
H193 POG G . 7.12 15.15 -22.02
H201 POG G . 8.31 13.10 -18.83
H202 POG G . 9.57 13.87 -19.39
H203 POG G . 9.75 12.47 -18.67
H211 POG G . 11.50 9.63 -21.17
H212 POG G . 12.26 9.73 -19.78
H213 POG G . 13.08 9.46 -21.12
OH POG H . -23.97 -17.76 -0.81
C2 POG H . -23.70 -19.13 -0.87
C1 POG H . -22.70 -19.48 0.24
C3 POG H . -23.12 -19.46 -2.24
O2 POG H . -22.01 -18.64 -2.50
C5 POG H . -21.53 -18.70 -3.82
O1 POG H . -18.70 -16.32 -13.87
C4 POG H . -19.52 -15.23 -14.18
C6 POG H . -20.98 -15.49 -13.80
O3 POG H . -21.07 -15.82 -12.43
C7 POG H . -22.12 -15.14 -11.78
C8 POG H . -22.21 -15.51 -10.30
O4 POG H . -20.98 -15.27 -9.64
C9 POG H . -21.08 -15.17 -8.24
C10 POG H . -19.80 -14.67 -7.58
O5 POG H . -18.95 -15.75 -7.27
C11 POG H . -17.73 -15.45 -6.60
C12 POG H . -16.77 -16.64 -6.72
O6 POG H . -17.21 -17.71 -5.92
C13 POG H . -16.93 -17.63 -4.54
C14 POG H . -17.93 -18.45 -3.73
O7 POG H . -19.20 -18.44 -4.35
C15 POG H . -20.15 -19.36 -3.87
C16 POG H . -21.44 -17.28 -4.38
C17 POG H . -18.00 -17.82 -2.33
C18 POG H . -15.35 -16.24 -6.30
C19 POG H . -20.21 -13.95 -6.29
C20 POG H . -22.61 -16.98 -10.19
C21 POG H . -21.58 -16.62 -14.65
HOH POG H . -23.89 -17.49 -0.01
H2 POG H . -24.52 -19.63 -0.73
H11 POG H . -23.09 -19.26 1.10
H12A POG H . -21.88 -18.97 0.11
H13 POG H . -22.50 -20.43 0.21
H31 POG H . -22.86 -20.38 -2.27
H32 POG H . -23.80 -19.30 -2.91
H5 POG H . -22.15 -19.23 -4.37
HO1 POG H . -18.89 -16.97 -14.40
H41 POG H . -19.47 -15.04 -15.13
H42 POG H . -19.20 -14.45 -13.69
H6 POG H . -21.49 -14.68 -13.95
H71 POG H . -22.96 -15.37 -12.21
H72 POG H . -21.97 -14.19 -11.86
H8 POG H . -22.90 -14.97 -9.89
H91 POG H . -21.29 -16.06 -7.89
H92 POG H . -21.81 -14.58 -8.02
H10 POG H . -19.35 -14.05 -8.17
H111 POG H . -17.92 -15.27 -5.66
H112 POG H . -17.33 -14.67 -7.00
H12 POG H . -16.74 -16.92 -7.64
H131 POG H . -16.97 -16.70 -4.26
H132 POG H . -16.04 -17.97 -4.39
H14 POG H . -17.62 -19.36 -3.65
H151 POG H . -19.89 -19.65 -2.97
H152 POG H . -20.18 -20.13 -4.45
H161 POG H . -20.75 -16.79 -3.90
H162 POG H . -22.30 -16.84 -4.26
H163 POG H . -21.22 -17.31 -5.32
H171 POG H . -18.63 -18.32 -1.78
H172 POG H . -18.30 -16.90 -2.41
H173 POG H . -17.13 -17.85 -1.92
H181 POG H . -14.84 -17.04 -6.08
H182 POG H . -15.39 -15.66 -5.52
H183 POG H . -14.92 -15.77 -7.04
H191 POG H . -19.43 -13.44 -6.52
H192 POG H . -19.80 -13.91 -5.42
H193 POG H . -20.33 -14.88 -6.00
H201 POG H . -22.65 -17.23 -9.25
H202 POG H . -21.94 -17.54 -10.63
H203 POG H . -23.47 -17.11 -10.60
H211 POG H . -22.47 -16.82 -14.34
H212 POG H . -21.02 -17.41 -14.57
H213 POG H . -21.61 -16.33 -15.58
OH POG I . -9.34 -29.49 -4.14
C2 POG I . -8.01 -29.07 -4.04
C1 POG I . -7.11 -30.29 -3.79
C3 POG I . -7.88 -28.07 -2.89
O2 POG I . -9.01 -27.23 -2.89
C5 POG I . -8.82 -25.92 -2.42
O1 POG I . -14.96 -20.05 -11.05
C4 POG I . -14.80 -19.37 -12.27
C6 POG I . -16.03 -18.51 -12.45
O3 POG I . -16.64 -18.42 -11.18
C7 POG I . -17.73 -19.23 -10.86
C8 POG I . -18.06 -18.97 -9.38
O4 POG I . -17.94 -20.15 -8.63
C9 POG I . -16.62 -20.36 -8.21
C10 POG I . -16.46 -21.54 -7.26
O5 POG I . -15.10 -21.70 -7.00
C11 POG I . -14.76 -22.56 -5.94
C12 POG I . -13.25 -22.55 -5.72
O6 POG I . -12.95 -22.76 -4.36
C13 POG I . -11.64 -23.21 -4.10
C14 POG I . -11.40 -23.26 -2.59
O7 POG I . -10.18 -23.91 -2.32
C15 POG I . -10.19 -25.31 -2.12
C16 POG I . -8.08 -25.12 -3.49
C17 POG I . -12.59 -23.93 -1.91
C18 POG I . -12.67 -21.21 -6.19
C19 POG I . -16.97 -22.82 -7.92
C20 POG I . -19.46 -18.37 -9.30
C21 POG I . -16.95 -19.13 -13.50
HOH POG I . -9.37 -30.24 -4.53
H2 POG I . -7.74 -28.64 -4.86
H11 POG I . -7.22 -30.91 -4.53
H12A POG I . -6.19 -30.01 -3.74
H13 POG I . -7.37 -30.72 -2.96
H31 POG I . -7.82 -28.53 -2.04
H32 POG I . -7.08 -27.53 -3.02
H5 POG I . -8.29 -25.94 -1.61
HO1 POG I . -15.55 -20.67 -11.14
H41 POG I . -14.74 -20.01 -13.00
H42 POG I . -14.01 -18.82 -12.25
H6 POG I . -15.77 -17.63 -12.75
H71 POG I . -17.50 -20.16 -10.98
H72 POG I . -18.49 -19.00 -11.41
H8 POG I . -17.42 -18.31 -9.03
H91 POG I . -16.06 -20.52 -8.99
H92 POG I . -16.30 -19.56 -7.76
H10 POG I . -16.94 -21.38 -6.43
H111 POG I . -15.05 -23.46 -6.15
H112 POG I . -15.21 -22.27 -5.13
H12 POG I . -12.85 -23.26 -6.25
H131 POG I . -11.00 -22.59 -4.50
H132 POG I . -11.52 -24.09 -4.47
H14 POG I . -11.34 -22.35 -2.26
H151 POG I . -10.86 -25.70 -2.71
H152 POG I . -10.44 -25.49 -1.19
H161 POG I . -8.18 -24.17 -3.31
H162 POG I . -8.47 -25.32 -4.36
H163 POG I . -7.15 -25.36 -3.49
H171 POG I . -12.36 -24.15 -0.98
H172 POG I . -12.81 -24.75 -2.38
H173 POG I . -13.35 -23.34 -1.92
H181 POG I . -11.89 -20.99 -5.67
H182 POG I . -13.35 -20.51 -6.06
H183 POG I . -12.44 -21.25 -7.13
H191 POG I . -17.11 -23.50 -7.24
H192 POG I . -16.32 -23.13 -8.57
H193 POG I . -17.81 -22.64 -8.37
H201 POG I . -19.71 -18.26 -8.36
H202 POG I . -20.09 -18.96 -9.73
H203 POG I . -19.47 -17.50 -9.72
H211 POG I . -17.81 -18.68 -13.49
H212 POG I . -17.08 -20.07 -13.30
H213 POG I . -16.54 -19.04 -14.38
#